data_3KF5
#
_entry.id   3KF5
#
_cell.length_a   105.778
_cell.length_b   119.490
_cell.length_c   137.677
_cell.angle_alpha   90.00
_cell.angle_beta   90.00
_cell.angle_gamma   90.00
#
_symmetry.space_group_name_H-M   'P 21 21 21'
#
loop_
_entity.id
_entity.type
_entity.pdbx_description
1 polymer Invertase
2 non-polymer 2-acetamido-2-deoxy-beta-D-glucopyranose
3 non-polymer GLYCEROL
4 water water
#
_entity_poly.entity_id   1
_entity_poly.type   'polypeptide(L)'
_entity_poly.pdbx_seq_one_letter_code
;SIDLSVDTSEYNRPLIHFTPEKGWMNDPNGLFYDKTAKLWHLYFQYNPNATAWGQPLYWGHATSNDLVHWDEHEIAIGPE
HDNEGIFSGSIVVDHNNTSGFFNSSIDPNQRIVAIYTNNIPDNQTQDIAFSLDGGYTFTKYENNPVIDVSSNQFRDPKVF
WHEDSNQWIMVVSKSQEYKIQIFGSANLKNWVLNSNFSSGYYGNQYECPGLIEVPIENSDKSKWVMFLAINPGSPLGGSI
NQYFVGDFDGFQFVPDDSQTRFVDIGKDFYAFQTFSEVEHGVLGLAWASNWQYADQVPTNPWRSSTSLARNYTLRYVHTN
AETKQLTLIQNPVLPDSINVVDKLKKKNVKLTNKKPIKTNFKGSTGLFDFNITFKVLNLNVSPGKTHFDILINSQELNSS
VDSIKIGFDSSQSSFYIDRHIPNVEFPRKQFFTDKLAAYLEPLDYDQDLRVFSLYGIVDKNIIELYFNDGTVAMTNTFFM
GEGKYPHDIQIVTDTEEPLFELESVIIRELNK
;
_entity_poly.pdbx_strand_id   A,B
#
loop_
_chem_comp.id
_chem_comp.type
_chem_comp.name
_chem_comp.formula
GOL non-polymer GLYCEROL 'C3 H8 O3'
NAG D-saccharide, beta linking 2-acetamido-2-deoxy-beta-D-glucopyranose 'C8 H15 N O6'
#
# COMPACT_ATOMS: atom_id res chain seq x y z
N SER A 1 -10.28 20.02 17.01
CA SER A 1 -10.90 21.27 17.56
C SER A 1 -12.27 21.02 18.23
N ILE A 2 -12.20 20.52 19.47
CA ILE A 2 -13.38 20.11 20.25
C ILE A 2 -13.24 20.54 21.73
N ASP A 3 -12.05 21.05 22.04
CA ASP A 3 -11.50 21.28 23.40
C ASP A 3 -12.47 21.49 24.59
N LEU A 4 -12.57 22.73 25.07
CA LEU A 4 -13.02 23.04 26.45
C LEU A 4 -12.08 22.26 27.40
N SER A 5 -12.51 22.00 28.63
CA SER A 5 -11.74 21.04 29.41
C SER A 5 -12.49 19.70 29.50
N VAL A 6 -13.20 19.35 28.42
CA VAL A 6 -13.84 18.04 28.28
C VAL A 6 -12.77 16.94 28.17
N ASP A 7 -12.86 15.96 29.06
CA ASP A 7 -11.90 14.88 29.18
C ASP A 7 -12.54 13.58 28.68
N THR A 8 -12.02 13.06 27.58
CA THR A 8 -12.62 11.92 26.90
C THR A 8 -12.17 10.57 27.45
N SER A 9 -11.24 10.59 28.41
CA SER A 9 -10.59 9.37 28.93
C SER A 9 -11.54 8.22 29.21
N GLU A 10 -12.69 8.54 29.80
CA GLU A 10 -13.69 7.56 30.23
C GLU A 10 -14.06 6.55 29.14
N TYR A 11 -14.07 7.00 27.89
CA TYR A 11 -14.49 6.17 26.76
C TYR A 11 -13.42 6.04 25.67
N ASN A 12 -12.40 6.91 25.72
CA ASN A 12 -11.35 6.98 24.68
C ASN A 12 -9.99 6.45 25.09
N ARG A 13 -9.63 6.69 26.36
CA ARG A 13 -8.27 6.43 26.85
C ARG A 13 -7.98 4.94 26.99
N PRO A 14 -6.97 4.44 26.24
CA PRO A 14 -6.57 3.05 26.38
C PRO A 14 -6.18 2.74 27.83
N LEU A 15 -6.34 1.49 28.24
CA LEU A 15 -6.02 1.09 29.60
C LEU A 15 -4.65 0.44 29.77
N ILE A 16 -4.21 -0.32 28.76
CA ILE A 16 -2.95 -1.06 28.86
C ILE A 16 -1.93 -0.69 27.77
N HIS A 17 -2.33 0.23 26.88
CA HIS A 17 -1.39 0.92 25.99
C HIS A 17 -0.96 2.20 26.68
N PHE A 18 0.34 2.53 26.62
CA PHE A 18 0.79 3.75 27.28
C PHE A 18 0.28 5.02 26.61
N THR A 19 -0.05 5.98 27.47
CA THR A 19 -0.65 7.25 27.11
C THR A 19 -0.09 8.31 28.06
N PRO A 20 0.29 9.49 27.54
CA PRO A 20 0.70 10.53 28.48
C PRO A 20 -0.53 11.12 29.17
N GLU A 21 -0.35 11.60 30.41
CA GLU A 21 -1.42 12.26 31.18
C GLU A 21 -2.06 13.37 30.34
N LYS A 22 -1.22 14.32 29.94
CA LYS A 22 -1.63 15.47 29.16
C LYS A 22 -0.65 15.69 28.01
N GLY A 23 -1.14 16.24 26.91
CA GLY A 23 -0.28 16.69 25.83
C GLY A 23 -0.12 15.72 24.68
N TRP A 24 0.89 15.99 23.85
CA TRP A 24 1.11 15.26 22.60
C TRP A 24 2.33 14.33 22.66
N MET A 25 2.17 13.15 22.05
CA MET A 25 3.26 12.17 21.92
C MET A 25 3.40 11.69 20.47
N ASN A 26 4.64 11.46 20.03
CA ASN A 26 4.88 10.67 18.82
C ASN A 26 5.94 9.55 19.00
N ASP A 27 7.04 9.59 18.26
CA ASP A 27 8.03 8.50 18.22
C ASP A 27 8.41 7.99 19.61
N PRO A 28 8.42 6.65 19.81
CA PRO A 28 9.02 6.12 21.05
C PRO A 28 10.53 6.31 21.02
N ASN A 29 11.12 6.58 22.19
CA ASN A 29 12.54 6.89 22.28
C ASN A 29 13.25 6.12 23.38
N GLY A 30 14.57 5.96 23.21
CA GLY A 30 15.47 5.41 24.22
C GLY A 30 15.00 4.22 25.01
N LEU A 31 14.39 3.26 24.32
CA LEU A 31 13.83 2.06 24.94
C LEU A 31 14.95 1.18 25.48
N PHE A 32 14.94 0.96 26.79
CA PHE A 32 15.87 0.01 27.40
C PHE A 32 15.26 -0.72 28.58
N TYR A 33 15.87 -1.85 28.94
CA TYR A 33 15.56 -2.57 30.16
C TYR A 33 16.65 -2.30 31.18
N ASP A 34 16.26 -2.11 32.43
CA ASP A 34 17.19 -1.98 33.55
C ASP A 34 17.21 -3.31 34.31
N LYS A 35 18.34 -4.00 34.25
CA LYS A 35 18.46 -5.34 34.85
C LYS A 35 18.40 -5.34 36.36
N THR A 36 19.17 -4.47 37.00
CA THR A 36 19.21 -4.44 38.47
C THR A 36 17.92 -3.87 39.08
N ALA A 37 17.31 -2.90 38.40
CA ALA A 37 16.04 -2.32 38.85
C ALA A 37 14.80 -3.10 38.37
N LYS A 38 15.02 -4.14 37.57
CA LYS A 38 13.94 -4.94 36.97
C LYS A 38 12.86 -4.05 36.36
N LEU A 39 13.27 -3.15 35.47
CA LEU A 39 12.37 -2.09 35.01
C LEU A 39 12.53 -1.73 33.52
N TRP A 40 11.40 -1.72 32.82
CA TRP A 40 11.34 -1.28 31.42
C TRP A 40 11.21 0.23 31.33
N HIS A 41 11.96 0.84 30.42
CA HIS A 41 11.92 2.28 30.25
C HIS A 41 11.36 2.70 28.90
N LEU A 42 10.44 3.65 28.93
CA LEU A 42 9.86 4.21 27.72
C LEU A 42 10.08 5.72 27.73
N TYR A 43 10.73 6.22 26.70
CA TYR A 43 10.83 7.64 26.47
C TYR A 43 10.09 7.93 25.16
N PHE A 44 9.87 9.21 24.86
CA PHE A 44 9.10 9.57 23.67
C PHE A 44 9.13 11.06 23.32
N GLN A 45 8.98 11.34 22.03
CA GLN A 45 8.75 12.70 21.53
C GLN A 45 7.55 13.27 22.24
N TYR A 46 7.77 14.33 23.01
CA TYR A 46 6.75 14.85 23.90
C TYR A 46 6.65 16.37 23.80
N ASN A 47 5.43 16.84 23.55
CA ASN A 47 5.08 18.24 23.71
C ASN A 47 3.98 18.32 24.75
N PRO A 48 4.28 18.86 25.94
CA PRO A 48 3.33 18.91 27.04
C PRO A 48 2.35 20.05 26.92
N ASN A 49 2.74 21.07 26.13
CA ASN A 49 2.06 22.36 26.11
C ASN A 49 0.89 22.48 25.15
N ALA A 50 0.76 21.51 24.24
CA ALA A 50 -0.35 21.47 23.32
C ALA A 50 -0.75 20.03 23.06
N THR A 51 -1.88 19.86 22.40
CA THR A 51 -2.37 18.55 22.04
C THR A 51 -2.05 18.23 20.55
N ALA A 52 -0.92 18.75 20.09
CA ALA A 52 -0.39 18.53 18.72
C ALA A 52 1.13 18.68 18.76
N TRP A 53 1.82 18.41 17.64
CA TRP A 53 3.29 18.48 17.61
C TRP A 53 3.82 19.88 17.88
N GLY A 54 4.77 19.96 18.79
CA GLY A 54 5.11 21.22 19.43
C GLY A 54 6.55 21.64 19.38
N GLN A 55 6.73 22.91 19.09
CA GLN A 55 8.03 23.52 18.84
C GLN A 55 9.11 23.26 19.90
N PRO A 56 8.87 23.62 21.19
CA PRO A 56 9.83 23.14 22.22
C PRO A 56 9.50 21.70 22.62
N LEU A 57 10.33 20.76 22.14
CA LEU A 57 10.01 19.33 22.16
C LEU A 57 10.97 18.49 23.01
N TYR A 58 10.39 17.63 23.84
CA TYR A 58 11.12 16.92 24.89
C TYR A 58 11.07 15.41 24.75
N TRP A 59 11.91 14.74 25.55
CA TRP A 59 11.79 13.31 25.78
C TRP A 59 10.96 13.11 27.02
N GLY A 60 9.75 12.57 26.84
CA GLY A 60 8.90 12.16 27.96
C GLY A 60 9.48 10.91 28.57
N HIS A 61 8.95 10.48 29.72
CA HIS A 61 9.50 9.28 30.37
C HIS A 61 8.50 8.49 31.24
N ALA A 62 8.42 7.20 30.95
CA ALA A 62 7.60 6.29 31.73
C ALA A 62 8.39 5.02 32.02
N THR A 63 8.03 4.34 33.11
CA THR A 63 8.61 3.04 33.46
C THR A 63 7.51 2.01 33.69
N SER A 64 7.87 0.74 33.56
CA SER A 64 6.96 -0.39 33.79
C SER A 64 7.74 -1.61 34.24
N ASN A 65 7.10 -2.49 35.00
CA ASN A 65 7.72 -3.74 35.40
C ASN A 65 7.16 -4.93 34.63
N ASP A 66 6.11 -4.70 33.84
CA ASP A 66 5.43 -5.79 33.13
C ASP A 66 5.03 -5.45 31.68
N LEU A 67 5.26 -4.19 31.29
CA LEU A 67 4.95 -3.67 29.94
C LEU A 67 3.48 -3.39 29.63
N VAL A 68 2.63 -3.40 30.67
CA VAL A 68 1.23 -2.97 30.53
C VAL A 68 0.78 -1.95 31.58
N HIS A 69 1.59 -1.76 32.62
CA HIS A 69 1.30 -0.78 33.67
C HIS A 69 2.41 0.25 33.72
N TRP A 70 2.07 1.53 33.51
CA TRP A 70 3.09 2.57 33.35
C TRP A 70 3.03 3.70 34.38
N ASP A 71 4.20 4.13 34.85
CA ASP A 71 4.32 5.33 35.68
C ASP A 71 4.94 6.47 34.88
N GLU A 72 4.27 7.61 34.87
CA GLU A 72 4.77 8.78 34.14
C GLU A 72 5.66 9.63 35.05
N HIS A 73 6.89 9.88 34.59
CA HIS A 73 7.86 10.66 35.37
C HIS A 73 8.09 12.03 34.74
N GLU A 74 9.02 12.79 35.30
CA GLU A 74 9.31 14.13 34.79
C GLU A 74 10.08 14.01 33.49
N ILE A 75 9.98 15.04 32.65
CA ILE A 75 10.76 15.16 31.41
C ILE A 75 12.20 14.65 31.59
N ALA A 76 12.69 13.86 30.64
CA ALA A 76 14.05 13.32 30.73
C ALA A 76 15.11 14.25 30.11
N ILE A 77 14.82 14.77 28.93
CA ILE A 77 15.71 15.71 28.25
C ILE A 77 14.91 16.84 27.62
N GLY A 78 15.43 18.05 27.76
CA GLY A 78 14.84 19.25 27.17
C GLY A 78 15.83 19.98 26.28
N PRO A 79 15.33 20.84 25.39
CA PRO A 79 16.19 21.61 24.51
C PRO A 79 16.69 22.90 25.16
N GLU A 80 17.78 23.45 24.63
CA GLU A 80 18.35 24.71 25.14
C GLU A 80 17.44 25.94 24.95
N HIS A 81 16.65 25.94 23.87
CA HIS A 81 15.74 27.05 23.58
C HIS A 81 14.37 26.54 23.11
N ASP A 82 13.33 27.33 23.36
CA ASP A 82 12.00 27.07 22.80
C ASP A 82 12.06 27.00 21.27
N ASN A 83 13.22 27.42 20.76
CA ASN A 83 13.47 27.52 19.33
C ASN A 83 13.41 26.18 18.60
N GLU A 84 13.82 25.10 19.26
CA GLU A 84 13.45 23.76 18.82
C GLU A 84 13.66 22.67 19.88
N GLY A 85 13.85 21.42 19.47
CA GLY A 85 13.74 20.31 20.41
C GLY A 85 14.65 19.10 20.31
N ILE A 86 14.42 18.15 21.22
CA ILE A 86 15.16 16.90 21.32
C ILE A 86 14.44 15.80 20.55
N PHE A 87 14.90 15.54 19.34
CA PHE A 87 14.25 14.59 18.44
C PHE A 87 14.54 13.14 18.82
N SER A 88 14.09 12.20 17.99
CA SER A 88 14.20 10.78 18.30
C SER A 88 15.63 10.29 18.54
N GLY A 89 15.74 9.23 19.33
CA GLY A 89 17.02 8.64 19.65
C GLY A 89 16.84 7.33 20.42
N SER A 90 17.97 6.78 20.88
CA SER A 90 17.95 5.52 21.60
C SER A 90 18.82 5.60 22.85
N ILE A 91 18.78 4.54 23.65
CA ILE A 91 19.66 4.40 24.81
C ILE A 91 20.44 3.08 24.70
N VAL A 92 21.67 3.12 25.19
CA VAL A 92 22.45 1.91 25.40
C VAL A 92 23.01 1.91 26.82
N VAL A 93 23.40 0.73 27.28
CA VAL A 93 24.07 0.62 28.56
C VAL A 93 25.55 0.31 28.35
N ASP A 94 26.38 1.26 28.77
CA ASP A 94 27.83 1.21 28.61
C ASP A 94 28.47 0.50 29.80
N HIS A 95 28.19 -0.80 29.93
CA HIS A 95 28.65 -1.61 31.05
C HIS A 95 30.13 -1.36 31.38
N ASN A 96 30.96 -1.27 30.33
CA ASN A 96 32.40 -1.17 30.48
C ASN A 96 32.99 0.24 30.35
N ASN A 97 32.19 1.24 30.73
CA ASN A 97 32.60 2.64 30.75
C ASN A 97 33.50 3.12 29.60
N THR A 98 33.13 2.75 28.37
CA THR A 98 33.88 3.15 27.18
C THR A 98 33.73 4.64 26.86
N SER A 99 32.75 5.28 27.49
CA SER A 99 32.49 6.70 27.32
C SER A 99 33.13 7.54 28.43
N GLY A 100 33.41 6.90 29.56
CA GLY A 100 34.11 7.54 30.67
C GLY A 100 33.23 8.44 31.52
N PHE A 101 32.02 7.97 31.82
CA PHE A 101 31.17 8.61 32.83
C PHE A 101 30.85 7.54 33.88
N PHE A 102 31.43 7.70 35.07
CA PHE A 102 31.42 6.64 36.09
C PHE A 102 32.04 7.16 37.38
N ASN A 103 31.19 7.59 38.32
CA ASN A 103 31.65 8.13 39.60
C ASN A 103 32.56 7.10 40.24
N SER A 104 32.07 5.86 40.29
CA SER A 104 32.84 4.65 40.61
C SER A 104 31.91 3.55 41.07
N SER A 105 30.76 3.94 41.63
CA SER A 105 29.73 2.98 41.99
C SER A 105 28.44 3.33 41.28
N ILE A 106 28.59 3.73 40.02
CA ILE A 106 27.47 3.74 39.08
C ILE A 106 27.42 2.34 38.47
N ASP A 107 26.45 1.57 38.95
CA ASP A 107 26.29 0.15 38.62
C ASP A 107 26.40 -0.14 37.13
N PRO A 108 27.25 -1.12 36.75
CA PRO A 108 27.20 -1.62 35.38
C PRO A 108 25.80 -2.14 35.08
N ASN A 109 25.39 -2.09 33.82
CA ASN A 109 23.98 -2.28 33.42
C ASN A 109 22.96 -1.30 34.04
N GLN A 110 23.49 -0.21 34.58
CA GLN A 110 22.69 0.94 35.00
C GLN A 110 23.48 2.17 34.55
N ARG A 111 24.59 1.90 33.88
CA ARG A 111 25.48 2.89 33.30
C ARG A 111 24.89 3.36 31.95
N ILE A 112 24.02 4.38 32.02
CA ILE A 112 23.06 4.70 30.94
C ILE A 112 23.43 5.92 30.08
N VAL A 113 23.49 5.70 28.77
CA VAL A 113 23.82 6.76 27.81
C VAL A 113 22.71 6.89 26.75
N ALA A 114 22.24 8.12 26.56
CA ALA A 114 21.23 8.42 25.54
C ALA A 114 21.89 9.03 24.31
N ILE A 115 21.55 8.51 23.13
CA ILE A 115 22.00 9.05 21.86
C ILE A 115 20.78 9.55 21.10
N TYR A 116 20.78 10.83 20.75
CA TYR A 116 19.58 11.48 20.18
C TYR A 116 19.92 12.54 19.14
N THR A 117 18.91 12.92 18.34
CA THR A 117 19.05 14.02 17.40
C THR A 117 18.67 15.35 18.06
N ASN A 118 19.56 16.34 17.94
CA ASN A 118 19.31 17.68 18.44
C ASN A 118 18.88 18.60 17.31
N ASN A 119 17.62 19.02 17.33
CA ASN A 119 17.07 19.84 16.26
C ASN A 119 17.16 21.34 16.50
N ILE A 120 18.02 21.99 15.73
CA ILE A 120 18.26 23.43 15.78
C ILE A 120 17.68 23.97 14.48
N PRO A 121 17.33 25.27 14.43
CA PRO A 121 17.02 25.89 13.13
C PRO A 121 18.14 25.70 12.11
N ASP A 122 17.78 25.13 10.97
CA ASP A 122 18.70 24.84 9.85
C ASP A 122 19.77 23.79 10.12
N ASN A 123 19.63 23.04 11.21
CA ASN A 123 20.64 22.06 11.61
C ASN A 123 20.12 20.88 12.43
N GLN A 124 20.41 19.67 11.96
CA GLN A 124 20.15 18.46 12.75
C GLN A 124 21.45 17.71 12.97
N THR A 125 21.70 17.35 14.23
CA THR A 125 22.95 16.70 14.63
C THR A 125 22.67 15.52 15.56
N GLN A 126 23.67 14.69 15.77
CA GLN A 126 23.57 13.61 16.76
C GLN A 126 24.36 13.98 18.00
N ASP A 127 23.66 14.05 19.13
CA ASP A 127 24.23 14.43 20.40
C ASP A 127 24.07 13.27 21.38
N ILE A 128 24.86 13.27 22.46
CA ILE A 128 24.72 12.25 23.50
C ILE A 128 24.56 12.86 24.88
N ALA A 129 23.93 12.11 25.78
CA ALA A 129 23.75 12.51 27.17
C ALA A 129 23.77 11.27 28.07
N PHE A 130 24.16 11.45 29.34
CA PHE A 130 24.27 10.33 30.27
C PHE A 130 23.50 10.54 31.56
N SER A 131 22.97 9.45 32.11
CA SER A 131 22.19 9.48 33.35
C SER A 131 22.87 8.69 34.46
N LEU A 132 22.96 9.31 35.64
CA LEU A 132 23.62 8.70 36.79
C LEU A 132 22.63 8.21 37.85
N ASP A 133 21.35 8.54 37.66
CA ASP A 133 20.32 8.22 38.64
C ASP A 133 19.34 7.11 38.20
N GLY A 134 19.71 6.40 37.14
CA GLY A 134 18.91 5.28 36.65
C GLY A 134 18.02 5.63 35.46
N GLY A 135 18.34 6.73 34.80
CA GLY A 135 17.62 7.13 33.59
C GLY A 135 16.48 8.10 33.84
N TYR A 136 16.63 8.95 34.86
CA TYR A 136 15.58 9.90 35.21
C TYR A 136 15.97 11.34 34.89
N THR A 137 17.20 11.70 35.21
CA THR A 137 17.77 12.97 34.79
C THR A 137 19.02 12.71 33.94
N PHE A 138 19.31 13.63 33.03
CA PHE A 138 20.43 13.44 32.10
C PHE A 138 21.36 14.64 32.09
N THR A 139 22.62 14.40 31.76
CA THR A 139 23.60 15.46 31.55
C THR A 139 24.09 15.38 30.12
N LYS A 140 24.03 16.50 29.41
CA LYS A 140 24.49 16.59 28.03
C LYS A 140 26.00 16.66 27.97
N TYR A 141 26.58 15.95 26.99
CA TYR A 141 28.03 15.86 26.84
C TYR A 141 28.64 17.17 26.35
N GLU A 142 29.66 17.64 27.06
CA GLU A 142 30.31 18.94 26.78
C GLU A 142 30.53 19.23 25.30
N ASN A 143 31.03 18.23 24.58
CA ASN A 143 31.48 18.39 23.20
C ASN A 143 30.49 17.94 22.12
N ASN A 144 29.20 18.01 22.45
CA ASN A 144 28.14 17.85 21.46
C ASN A 144 28.28 18.87 20.35
N PRO A 145 27.88 18.52 19.12
CA PRO A 145 27.36 17.23 18.68
C PRO A 145 28.45 16.17 18.55
N VAL A 146 28.07 14.90 18.62
CA VAL A 146 29.04 13.82 18.37
C VAL A 146 29.20 13.56 16.88
N ILE A 147 28.13 13.80 16.11
CA ILE A 147 28.21 13.80 14.65
C ILE A 147 27.45 14.98 14.08
N ASP A 148 28.11 15.72 13.20
CA ASP A 148 27.51 16.85 12.49
C ASP A 148 27.91 16.75 11.03
N VAL A 149 26.92 16.70 10.15
CA VAL A 149 27.19 16.52 8.73
C VAL A 149 26.81 17.78 7.93
N SER A 150 26.63 18.88 8.66
CA SER A 150 26.14 20.14 8.10
C SER A 150 24.79 19.94 7.40
N SER A 151 23.88 19.22 8.05
CA SER A 151 22.62 18.89 7.41
C SER A 151 21.38 19.30 8.17
N ASN A 152 20.37 19.60 7.38
CA ASN A 152 19.06 20.01 7.84
C ASN A 152 18.15 18.78 7.99
N GLN A 153 18.59 17.65 7.47
CA GLN A 153 17.75 16.46 7.39
C GLN A 153 18.58 15.18 7.63
N PHE A 154 18.79 14.87 8.91
CA PHE A 154 19.76 13.87 9.37
C PHE A 154 19.42 13.53 10.83
N ARG A 155 18.72 12.41 11.05
CA ARG A 155 18.11 12.16 12.36
C ARG A 155 17.83 10.68 12.71
N ASP A 156 17.40 10.50 13.97
CA ASP A 156 16.88 9.23 14.53
C ASP A 156 17.93 8.12 14.73
N PRO A 157 18.91 8.34 15.62
CA PRO A 157 19.97 7.35 15.84
C PRO A 157 19.52 6.18 16.72
N LYS A 158 19.79 4.98 16.24
CA LYS A 158 19.61 3.77 17.01
C LYS A 158 20.98 3.11 17.13
N VAL A 159 21.52 3.05 18.35
CA VAL A 159 22.85 2.45 18.57
C VAL A 159 22.79 1.15 19.37
N PHE A 160 23.78 0.28 19.16
CA PHE A 160 23.91 -0.98 19.89
C PHE A 160 25.36 -1.46 19.88
N TRP A 161 25.73 -2.28 20.87
CA TRP A 161 27.08 -2.84 20.89
C TRP A 161 27.14 -4.09 20.02
N HIS A 162 28.19 -4.18 19.20
CA HIS A 162 28.35 -5.30 18.28
C HIS A 162 29.72 -5.95 18.51
N GLU A 163 29.73 -7.11 19.15
CA GLU A 163 30.97 -7.90 19.31
C GLU A 163 31.47 -8.39 17.95
N ASP A 164 32.57 -9.12 17.96
CA ASP A 164 33.23 -9.60 16.73
C ASP A 164 33.49 -8.56 15.62
N SER A 165 33.04 -7.32 15.83
CA SER A 165 33.65 -6.17 15.16
C SER A 165 34.15 -5.19 16.23
N ASN A 166 33.79 -5.49 17.47
CA ASN A 166 34.29 -4.80 18.65
C ASN A 166 34.07 -3.29 18.62
N GLN A 167 32.85 -2.89 18.27
CA GLN A 167 32.49 -1.46 18.21
C GLN A 167 31.00 -1.17 18.47
N TRP A 168 30.71 0.06 18.89
CA TRP A 168 29.36 0.58 18.91
C TRP A 168 28.93 0.86 17.47
N ILE A 169 27.75 0.40 17.11
CA ILE A 169 27.19 0.66 15.79
C ILE A 169 26.07 1.67 15.95
N MET A 170 26.12 2.73 15.16
CA MET A 170 24.98 3.63 15.03
C MET A 170 24.29 3.45 13.68
N VAL A 171 22.98 3.23 13.76
CA VAL A 171 22.14 3.22 12.58
C VAL A 171 21.28 4.49 12.64
N VAL A 172 21.61 5.43 11.75
CA VAL A 172 20.93 6.73 11.67
C VAL A 172 20.53 6.96 10.21
N SER A 173 19.64 7.92 9.94
CA SER A 173 19.14 8.10 8.58
C SER A 173 19.31 9.50 8.01
N LYS A 174 19.92 9.59 6.83
CA LYS A 174 19.98 10.85 6.11
C LYS A 174 18.73 10.96 5.27
N SER A 175 17.69 11.51 5.89
CA SER A 175 16.30 11.35 5.49
C SER A 175 15.97 11.53 4.01
N GLN A 176 16.34 12.69 3.45
CA GLN A 176 15.92 13.02 2.09
C GLN A 176 16.88 12.50 1.03
N GLU A 177 17.99 11.91 1.46
CA GLU A 177 18.91 11.25 0.54
C GLU A 177 18.57 9.76 0.35
N TYR A 178 17.55 9.31 1.10
CA TYR A 178 17.15 7.90 1.13
C TYR A 178 18.30 6.95 1.49
N LYS A 179 19.10 7.34 2.48
CA LYS A 179 20.19 6.48 2.95
C LYS A 179 20.07 6.22 4.46
N ILE A 180 20.08 4.95 4.85
CA ILE A 180 20.38 4.60 6.24
C ILE A 180 21.89 4.57 6.36
N GLN A 181 22.43 5.45 7.19
CA GLN A 181 23.88 5.57 7.36
C GLN A 181 24.34 4.77 8.57
N ILE A 182 25.36 3.94 8.37
CA ILE A 182 25.91 3.09 9.45
C ILE A 182 27.26 3.61 9.95
N PHE A 183 27.31 3.98 11.22
CA PHE A 183 28.52 4.52 11.84
C PHE A 183 29.15 3.54 12.85
N GLY A 184 30.44 3.70 13.11
CA GLY A 184 31.15 2.92 14.12
C GLY A 184 31.85 3.80 15.15
N SER A 185 32.11 3.23 16.33
CA SER A 185 32.76 3.94 17.41
C SER A 185 33.14 2.98 18.51
N ALA A 186 34.31 3.19 19.12
CA ALA A 186 34.70 2.41 20.29
C ALA A 186 34.43 3.24 21.54
N ASN A 187 33.65 4.30 21.35
CA ASN A 187 33.74 5.49 22.16
C ASN A 187 32.38 6.06 22.58
N LEU A 188 31.42 6.02 21.65
CA LEU A 188 30.15 6.76 21.69
C LEU A 188 30.33 8.26 21.43
N LYS A 189 31.58 8.74 21.43
CA LYS A 189 31.87 10.15 21.21
C LYS A 189 32.39 10.40 19.79
N ASN A 190 33.35 9.60 19.36
CA ASN A 190 33.95 9.74 18.03
C ASN A 190 33.44 8.68 17.08
N TRP A 191 32.89 9.10 15.94
CA TRP A 191 32.23 8.16 15.03
C TRP A 191 32.87 8.14 13.64
N VAL A 192 32.77 7.01 12.96
CA VAL A 192 33.30 6.84 11.61
C VAL A 192 32.24 6.23 10.72
N LEU A 193 32.01 6.83 9.55
CA LEU A 193 31.04 6.31 8.60
C LEU A 193 31.52 5.03 7.92
N ASN A 194 30.75 3.96 8.09
CA ASN A 194 31.13 2.64 7.57
C ASN A 194 30.45 2.25 6.27
N SER A 195 29.15 2.51 6.16
CA SER A 195 28.42 2.29 4.91
C SER A 195 27.06 2.99 4.82
N ASN A 196 26.51 2.99 3.61
CA ASN A 196 25.23 3.57 3.29
C ASN A 196 24.32 2.47 2.77
N PHE A 197 23.06 2.44 3.21
CA PHE A 197 22.10 1.47 2.70
C PHE A 197 20.82 2.11 2.16
N SER A 198 20.40 1.69 0.97
CA SER A 198 19.24 2.26 0.28
C SER A 198 18.44 1.21 -0.49
N SER A 199 17.24 0.89 0.02
CA SER A 199 16.38 -0.09 -0.63
C SER A 199 14.91 0.10 -0.25
N GLY A 200 14.06 -0.86 -0.62
CA GLY A 200 12.65 -0.86 -0.20
C GLY A 200 11.79 0.28 -0.73
N TYR A 201 10.72 0.61 0.00
CA TYR A 201 9.80 1.66 -0.42
C TYR A 201 10.33 3.02 0.04
N TYR A 202 10.67 3.88 -0.92
CA TYR A 202 11.31 5.17 -0.62
C TYR A 202 10.33 6.16 0.03
N GLY A 203 9.17 6.36 -0.61
CA GLY A 203 8.24 7.40 -0.19
C GLY A 203 8.92 8.77 -0.19
N ASN A 204 8.57 9.60 0.79
CA ASN A 204 9.14 10.94 0.92
C ASN A 204 10.53 10.98 1.60
N GLN A 205 10.65 10.40 2.80
CA GLN A 205 11.92 10.38 3.54
C GLN A 205 12.13 9.07 4.30
N TYR A 206 13.40 8.74 4.54
CA TYR A 206 13.77 7.69 5.49
C TYR A 206 13.71 8.29 6.89
N GLU A 207 13.14 7.55 7.83
CA GLU A 207 13.13 7.92 9.26
C GLU A 207 13.32 6.70 10.14
N CYS A 208 13.74 6.93 11.39
CA CYS A 208 13.83 5.87 12.42
C CYS A 208 14.32 4.51 11.95
N PRO A 209 15.62 4.38 11.59
CA PRO A 209 16.09 3.05 11.25
C PRO A 209 16.37 2.20 12.49
N GLY A 210 16.34 0.88 12.33
CA GLY A 210 16.76 -0.04 13.36
C GLY A 210 17.59 -1.16 12.76
N LEU A 211 18.48 -1.74 13.56
CA LEU A 211 19.28 -2.88 13.13
C LEU A 211 19.52 -3.80 14.32
N ILE A 212 19.07 -5.04 14.19
CA ILE A 212 19.07 -5.98 15.32
C ILE A 212 19.05 -7.43 14.86
N GLU A 213 19.65 -8.30 15.68
CA GLU A 213 19.74 -9.72 15.39
C GLU A 213 18.54 -10.47 15.94
N VAL A 214 17.76 -11.06 15.04
CA VAL A 214 16.50 -11.73 15.36
C VAL A 214 16.61 -13.24 15.16
N PRO A 215 16.18 -14.05 16.15
CA PRO A 215 16.25 -15.51 16.04
C PRO A 215 15.29 -16.12 15.02
N ILE A 216 15.70 -17.24 14.41
CA ILE A 216 14.82 -18.09 13.61
C ILE A 216 14.17 -19.12 14.54
N GLU A 217 12.86 -19.30 14.40
CA GLU A 217 12.04 -19.89 15.45
C GLU A 217 12.47 -21.23 16.06
N ASN A 218 12.86 -22.19 15.24
CA ASN A 218 13.26 -23.46 15.85
C ASN A 218 14.75 -23.58 16.09
N SER A 219 15.54 -23.21 15.10
CA SER A 219 16.99 -23.33 15.17
C SER A 219 17.68 -22.48 16.24
N ASP A 220 19.00 -22.65 16.33
CA ASP A 220 19.89 -21.77 17.06
C ASP A 220 20.45 -20.68 16.12
N LYS A 221 20.01 -20.73 14.86
CA LYS A 221 20.35 -19.74 13.83
C LYS A 221 19.53 -18.45 13.99
N SER A 222 20.02 -17.37 13.38
CA SER A 222 19.32 -16.09 13.37
C SER A 222 19.67 -15.28 12.10
N LYS A 223 19.03 -14.11 11.95
CA LYS A 223 19.37 -13.16 10.89
C LYS A 223 19.38 -11.73 11.44
N TRP A 224 19.98 -10.82 10.69
CA TRP A 224 19.94 -9.41 11.00
C TRP A 224 18.78 -8.76 10.26
N VAL A 225 18.04 -7.91 10.96
CA VAL A 225 16.91 -7.21 10.36
C VAL A 225 17.11 -5.70 10.41
N MET A 226 17.00 -5.06 9.26
CA MET A 226 17.00 -3.60 9.16
C MET A 226 15.57 -3.15 9.22
N PHE A 227 15.26 -2.30 10.20
CA PHE A 227 13.96 -1.65 10.29
C PHE A 227 14.07 -0.22 9.77
N LEU A 228 13.08 0.20 9.00
CA LEU A 228 13.07 1.53 8.41
C LEU A 228 11.65 2.11 8.39
N ALA A 229 11.50 3.34 8.89
CA ALA A 229 10.22 4.02 8.84
C ALA A 229 10.20 5.08 7.71
N ILE A 230 9.09 5.16 7.00
CA ILE A 230 8.93 6.19 5.97
C ILE A 230 7.64 6.96 6.20
N ASN A 231 7.70 8.27 5.97
CA ASN A 231 6.56 9.17 5.97
C ASN A 231 6.92 10.48 5.27
N PRO A 232 6.00 11.03 4.44
CA PRO A 232 4.66 10.59 4.05
C PRO A 232 4.50 9.79 2.73
N GLY A 233 5.42 8.89 2.42
CA GLY A 233 5.26 8.12 1.19
C GLY A 233 4.42 6.84 1.22
N SER A 234 3.96 6.41 2.40
CA SER A 234 3.34 5.06 2.56
C SER A 234 2.33 4.72 1.46
N PRO A 235 2.51 3.55 0.82
CA PRO A 235 1.57 3.17 -0.24
C PRO A 235 0.15 3.07 0.32
N LEU A 236 0.04 2.81 1.63
CA LEU A 236 -1.25 2.71 2.32
C LEU A 236 -1.88 4.04 2.73
N GLY A 237 -1.09 5.10 2.75
CA GLY A 237 -1.53 6.36 3.32
C GLY A 237 -0.38 7.26 3.71
N GLY A 238 -0.21 7.51 4.99
CA GLY A 238 0.77 8.51 5.39
C GLY A 238 2.08 7.89 5.77
N SER A 239 2.14 7.42 7.01
CA SER A 239 3.34 6.83 7.59
C SER A 239 3.23 5.30 7.61
N ILE A 240 4.39 4.63 7.63
CA ILE A 240 4.47 3.15 7.71
C ILE A 240 5.89 2.67 8.11
N ASN A 241 5.98 1.43 8.59
CA ASN A 241 7.27 0.75 8.87
C ASN A 241 7.58 -0.42 7.94
N GLN A 242 8.83 -0.54 7.52
CA GLN A 242 9.24 -1.66 6.67
C GLN A 242 10.50 -2.33 7.23
N TYR A 243 10.87 -3.47 6.65
CA TYR A 243 12.04 -4.20 7.12
C TYR A 243 12.75 -4.99 6.03
N PHE A 244 14.00 -5.35 6.30
CA PHE A 244 14.82 -6.15 5.38
C PHE A 244 15.51 -7.26 6.18
N VAL A 245 15.67 -8.43 5.55
CA VAL A 245 16.27 -9.58 6.22
C VAL A 245 17.60 -9.97 5.55
N GLY A 246 18.68 -10.02 6.33
CA GLY A 246 19.97 -10.44 5.78
C GLY A 246 21.10 -10.62 6.78
N ASP A 247 22.29 -10.18 6.39
CA ASP A 247 23.52 -10.31 7.17
C ASP A 247 24.16 -8.98 7.58
N PHE A 248 25.11 -9.05 8.51
CA PHE A 248 25.79 -7.86 9.01
C PHE A 248 27.11 -8.20 9.70
N ASP A 249 28.21 -7.61 9.24
CA ASP A 249 29.54 -7.86 9.80
C ASP A 249 30.04 -6.74 10.72
N GLY A 250 29.24 -5.69 10.86
CA GLY A 250 29.64 -4.51 11.64
C GLY A 250 29.95 -3.32 10.76
N PHE A 251 29.90 -3.52 9.44
CA PHE A 251 30.34 -2.53 8.48
C PHE A 251 29.30 -2.24 7.40
N GLN A 252 28.89 -3.27 6.65
CA GLN A 252 27.72 -3.11 5.79
C GLN A 252 26.67 -4.20 5.98
N PHE A 253 25.41 -3.79 5.90
CA PHE A 253 24.28 -4.70 5.94
C PHE A 253 24.02 -5.21 4.52
N VAL A 254 23.86 -6.53 4.40
CA VAL A 254 23.66 -7.18 3.09
C VAL A 254 22.43 -8.08 3.17
N PRO A 255 21.31 -7.62 2.60
CA PRO A 255 20.04 -8.35 2.64
C PRO A 255 20.02 -9.62 1.78
N ASP A 256 19.26 -10.63 2.22
CA ASP A 256 19.15 -11.90 1.50
C ASP A 256 18.47 -11.75 0.15
N ASP A 257 17.56 -10.77 0.06
CA ASP A 257 16.88 -10.45 -1.19
C ASP A 257 16.70 -8.94 -1.32
N SER A 258 15.99 -8.54 -2.36
CA SER A 258 15.71 -7.13 -2.60
C SER A 258 14.20 -6.90 -2.68
N GLN A 259 13.46 -7.54 -1.77
CA GLN A 259 12.00 -7.41 -1.72
C GLN A 259 11.58 -6.44 -0.62
N THR A 260 10.44 -5.79 -0.82
CA THR A 260 9.92 -4.83 0.15
C THR A 260 8.84 -5.50 0.96
N ARG A 261 8.93 -5.37 2.28
CA ARG A 261 7.93 -5.92 3.20
C ARG A 261 7.67 -4.96 4.35
N PHE A 262 6.40 -4.80 4.73
CA PHE A 262 6.06 -3.90 5.81
C PHE A 262 5.91 -4.63 7.14
N VAL A 263 6.30 -3.96 8.22
CA VAL A 263 6.26 -4.56 9.55
C VAL A 263 4.80 -4.79 9.95
N ASP A 264 3.96 -3.80 9.68
CA ASP A 264 2.57 -3.83 10.09
C ASP A 264 1.77 -3.19 8.96
N ILE A 265 0.73 -3.88 8.48
CA ILE A 265 -0.10 -3.30 7.41
C ILE A 265 -1.42 -2.70 7.86
N GLY A 266 -1.43 -2.22 9.10
CA GLY A 266 -2.46 -1.29 9.55
C GLY A 266 -2.03 0.12 9.16
N LYS A 267 -2.90 1.08 9.43
CA LYS A 267 -2.63 2.47 9.12
C LYS A 267 -1.79 3.15 10.22
N ASP A 268 -1.76 2.55 11.42
CA ASP A 268 -1.29 3.24 12.62
C ASP A 268 -0.15 2.55 13.40
N PHE A 269 0.95 2.24 12.69
CA PHE A 269 2.13 1.62 13.31
C PHE A 269 3.41 2.20 12.72
N TYR A 270 3.94 3.23 13.38
CA TYR A 270 5.05 4.01 12.83
C TYR A 270 6.11 4.30 13.88
N ALA A 271 7.32 4.61 13.42
CA ALA A 271 8.47 4.94 14.27
C ALA A 271 8.82 3.79 15.24
N PHE A 272 8.74 2.56 14.73
CA PHE A 272 9.05 1.36 15.50
C PHE A 272 10.47 1.43 16.04
N GLN A 273 10.63 1.14 17.32
CA GLN A 273 11.97 0.96 17.89
C GLN A 273 12.03 -0.28 18.76
N THR A 274 13.24 -0.81 18.89
CA THR A 274 13.51 -2.02 19.64
C THR A 274 14.02 -1.68 21.06
N PHE A 275 13.77 -2.57 22.03
CA PHE A 275 14.29 -2.38 23.40
C PHE A 275 15.74 -2.84 23.55
N SER A 276 16.52 -2.08 24.33
CA SER A 276 17.91 -2.46 24.66
C SER A 276 17.95 -3.39 25.86
N GLU A 277 19.04 -4.15 25.96
CA GLU A 277 19.32 -5.01 27.12
C GLU A 277 18.29 -6.11 27.38
N VAL A 278 17.62 -6.55 26.31
CA VAL A 278 16.74 -7.71 26.38
C VAL A 278 17.60 -8.95 26.18
N GLU A 279 17.67 -9.80 27.19
CA GLU A 279 18.37 -11.08 27.06
C GLU A 279 17.39 -12.15 26.58
N HIS A 280 17.86 -12.94 25.61
CA HIS A 280 17.03 -13.85 24.79
C HIS A 280 15.67 -13.30 24.26
N GLY A 281 15.64 -13.07 22.95
CA GLY A 281 14.46 -12.57 22.26
C GLY A 281 14.64 -11.13 21.81
N VAL A 282 13.76 -10.67 20.92
CA VAL A 282 13.74 -9.27 20.50
C VAL A 282 12.38 -8.63 20.80
N LEU A 283 12.42 -7.48 21.46
CA LEU A 283 11.21 -6.75 21.86
C LEU A 283 11.18 -5.31 21.39
N GLY A 284 10.01 -4.84 20.99
CA GLY A 284 9.83 -3.47 20.50
C GLY A 284 8.38 -3.02 20.44
N LEU A 285 8.19 -1.70 20.33
CA LEU A 285 6.86 -1.12 20.15
C LEU A 285 6.93 0.11 19.23
N ALA A 286 5.76 0.63 18.84
CA ALA A 286 5.69 1.77 17.93
C ALA A 286 4.69 2.84 18.39
N TRP A 287 4.78 4.00 17.75
CA TRP A 287 3.80 5.06 17.92
C TRP A 287 2.57 4.64 17.13
N ALA A 288 1.44 4.56 17.82
CA ALA A 288 0.26 3.89 17.30
C ALA A 288 -0.70 4.87 16.64
N SER A 289 -0.20 5.61 15.66
CA SER A 289 -1.02 6.53 14.87
C SER A 289 -0.39 6.80 13.49
N ASN A 290 -1.07 7.61 12.70
CA ASN A 290 -0.58 7.95 11.37
C ASN A 290 -0.44 9.45 11.22
N TRP A 291 0.70 9.88 10.66
CA TRP A 291 1.02 11.30 10.57
C TRP A 291 0.04 12.18 9.83
N GLN A 292 -0.82 11.62 8.99
CA GLN A 292 -1.76 12.46 8.23
C GLN A 292 -3.01 12.90 8.99
N TYR A 293 -3.28 12.30 10.14
CA TYR A 293 -4.46 12.67 10.92
C TYR A 293 -4.25 12.61 12.44
N ALA A 294 -3.02 12.29 12.85
CA ALA A 294 -2.69 12.02 14.26
C ALA A 294 -3.01 13.15 15.24
N ASP A 295 -3.03 14.39 14.75
CA ASP A 295 -3.28 15.52 15.62
C ASP A 295 -4.71 16.08 15.52
N GLN A 296 -5.61 15.29 14.94
CA GLN A 296 -6.98 15.74 14.74
C GLN A 296 -8.01 14.77 15.33
N VAL A 297 -7.52 13.61 15.79
CA VAL A 297 -8.37 12.57 16.37
C VAL A 297 -8.98 13.06 17.69
N PRO A 298 -10.29 12.79 17.89
CA PRO A 298 -11.06 13.37 19.01
C PRO A 298 -10.72 12.78 20.40
N THR A 299 -9.52 13.07 20.90
CA THR A 299 -9.14 12.70 22.26
C THR A 299 -8.59 13.92 23.02
N ASN A 300 -8.93 14.03 24.30
CA ASN A 300 -8.48 15.14 25.15
C ASN A 300 -8.39 14.71 26.63
N PRO A 301 -7.39 15.23 27.38
CA PRO A 301 -6.36 16.23 27.06
C PRO A 301 -5.03 15.66 26.56
N TRP A 302 -5.08 14.50 25.87
CA TRP A 302 -3.89 13.88 25.27
C TRP A 302 -4.17 13.47 23.84
N ARG A 303 -3.09 13.26 23.08
CA ARG A 303 -3.21 12.58 21.81
C ARG A 303 -2.08 11.57 21.67
N SER A 304 -2.40 10.43 21.06
CA SER A 304 -1.45 9.33 20.78
C SER A 304 -1.31 8.32 21.90
N SER A 305 -1.23 7.05 21.52
CA SER A 305 -0.77 6.02 22.41
C SER A 305 0.37 5.25 21.74
N THR A 306 1.09 4.47 22.53
CA THR A 306 2.08 3.57 22.03
C THR A 306 1.33 2.28 21.68
N SER A 307 1.94 1.38 20.92
CA SER A 307 1.34 0.06 20.70
C SER A 307 1.72 -0.85 21.88
N LEU A 308 1.16 -2.05 21.93
CA LEU A 308 1.64 -3.06 22.86
C LEU A 308 3.08 -3.42 22.50
N ALA A 309 3.85 -3.92 23.44
CA ALA A 309 5.17 -4.43 23.15
C ALA A 309 5.00 -5.74 22.42
N ARG A 310 5.91 -6.03 21.50
CA ARG A 310 5.82 -7.26 20.73
C ARG A 310 7.12 -8.07 20.71
N ASN A 311 6.98 -9.40 20.73
CA ASN A 311 8.11 -10.33 20.65
C ASN A 311 8.32 -10.67 19.17
N TYR A 312 9.55 -10.45 18.69
CA TYR A 312 9.86 -10.55 17.26
C TYR A 312 10.73 -11.76 16.94
N THR A 313 10.21 -12.63 16.08
CA THR A 313 10.99 -13.77 15.59
C THR A 313 10.89 -13.91 14.08
N LEU A 314 11.73 -14.77 13.51
CA LEU A 314 11.68 -15.08 12.09
C LEU A 314 11.22 -16.51 11.89
N ARG A 315 10.35 -16.72 10.91
CA ARG A 315 9.76 -18.02 10.63
C ARG A 315 9.57 -18.25 9.14
N TYR A 316 9.89 -19.46 8.68
CA TYR A 316 9.60 -19.83 7.30
C TYR A 316 8.11 -20.06 7.15
N VAL A 317 7.46 -19.24 6.35
CA VAL A 317 6.02 -19.38 6.16
C VAL A 317 5.61 -19.31 4.69
N HIS A 318 4.57 -20.04 4.34
CA HIS A 318 4.05 -20.06 2.97
C HIS A 318 3.44 -18.72 2.58
N THR A 319 4.08 -18.04 1.63
CA THR A 319 3.54 -16.80 1.06
C THR A 319 2.60 -17.13 -0.11
N ASN A 320 2.85 -18.26 -0.75
CA ASN A 320 1.87 -18.90 -1.62
C ASN A 320 1.88 -20.40 -1.36
N ALA A 321 1.03 -21.16 -2.06
CA ALA A 321 0.89 -22.60 -1.86
C ALA A 321 2.21 -23.37 -1.97
N GLU A 322 3.12 -22.86 -2.79
CA GLU A 322 4.32 -23.59 -3.17
C GLU A 322 5.61 -23.20 -2.42
N THR A 323 5.65 -22.00 -1.83
CA THR A 323 6.97 -21.39 -1.58
C THR A 323 7.61 -21.33 -0.17
N LYS A 324 7.05 -20.59 0.78
CA LYS A 324 7.75 -20.35 2.06
C LYS A 324 8.86 -19.28 1.93
N GLN A 325 8.85 -18.35 2.88
CA GLN A 325 9.79 -17.23 2.92
C GLN A 325 10.10 -16.90 4.38
N LEU A 326 11.37 -16.68 4.69
CA LEU A 326 11.76 -16.31 6.05
C LEU A 326 11.11 -14.98 6.40
N THR A 327 10.08 -15.04 7.22
CA THR A 327 9.18 -13.90 7.44
C THR A 327 9.27 -13.41 8.87
N LEU A 328 9.15 -12.09 9.04
CA LEU A 328 9.11 -11.49 10.37
C LEU A 328 7.78 -11.82 11.04
N ILE A 329 7.88 -12.48 12.17
CA ILE A 329 6.73 -12.77 12.99
C ILE A 329 6.76 -11.85 14.21
N GLN A 330 5.60 -11.33 14.59
CA GLN A 330 5.44 -10.56 15.81
C GLN A 330 4.19 -10.98 16.58
N ASN A 331 4.34 -11.07 17.90
CA ASN A 331 3.24 -11.41 18.79
C ASN A 331 3.22 -10.52 20.03
N PRO A 332 2.02 -10.19 20.55
CA PRO A 332 1.90 -9.24 21.64
C PRO A 332 2.36 -9.81 22.97
N VAL A 333 2.83 -8.95 23.87
CA VAL A 333 3.37 -9.39 25.16
C VAL A 333 2.29 -9.86 26.16
N LEU A 334 1.62 -8.95 26.87
CA LEU A 334 0.61 -9.34 27.90
C LEU A 334 1.13 -10.30 29.01
N PRO A 335 1.33 -9.77 30.23
CA PRO A 335 1.90 -10.50 31.35
C PRO A 335 1.29 -11.86 31.68
N ASP A 336 0.01 -12.06 31.35
CA ASP A 336 -0.78 -13.20 31.86
C ASP A 336 -0.64 -13.31 33.40
N SER A 337 -1.64 -12.74 34.06
CA SER A 337 -1.57 -12.13 35.38
C SER A 337 -2.06 -10.69 35.12
N ILE A 338 -2.70 -10.51 33.95
CA ILE A 338 -3.57 -9.38 33.66
C ILE A 338 -4.92 -9.82 34.17
N ASN A 339 -5.76 -8.87 34.59
CA ASN A 339 -7.10 -9.18 35.06
C ASN A 339 -8.00 -9.68 33.95
N VAL A 340 -8.54 -10.88 34.13
CA VAL A 340 -9.59 -11.40 33.26
C VAL A 340 -10.92 -11.22 34.02
N VAL A 341 -11.69 -10.20 33.63
CA VAL A 341 -12.95 -9.89 34.30
C VAL A 341 -13.88 -11.12 34.22
N ASP A 342 -14.30 -11.46 33.01
CA ASP A 342 -14.71 -12.85 32.70
C ASP A 342 -14.56 -13.15 31.21
N LYS A 343 -14.88 -14.38 30.81
CA LYS A 343 -14.56 -14.85 29.47
C LYS A 343 -15.64 -15.70 28.82
N LEU A 344 -15.33 -16.21 27.62
CA LEU A 344 -16.22 -17.09 26.88
C LEU A 344 -15.35 -18.04 26.07
N LYS A 345 -15.42 -19.32 26.39
CA LYS A 345 -14.73 -20.36 25.64
C LYS A 345 -15.73 -21.27 24.97
N LYS A 346 -15.42 -21.67 23.75
CA LYS A 346 -16.22 -22.67 23.06
C LYS A 346 -15.30 -23.50 22.19
N LYS A 347 -15.74 -24.71 21.86
CA LYS A 347 -14.94 -25.57 21.00
C LYS A 347 -15.70 -26.07 19.79
N ASN A 348 -14.94 -26.30 18.73
CA ASN A 348 -15.46 -26.60 17.41
C ASN A 348 -16.94 -26.27 17.24
N VAL A 349 -17.22 -24.97 17.28
CA VAL A 349 -18.58 -24.47 17.04
C VAL A 349 -18.72 -24.28 15.54
N LYS A 350 -19.77 -24.90 14.99
CA LYS A 350 -20.01 -24.81 13.58
C LYS A 350 -20.93 -23.62 13.36
N LEU A 351 -20.35 -22.52 12.91
CA LEU A 351 -21.02 -21.22 12.95
C LEU A 351 -22.05 -21.02 11.85
N THR A 352 -23.24 -20.59 12.26
CA THR A 352 -24.35 -20.34 11.34
C THR A 352 -25.05 -19.01 11.66
N ASN A 353 -25.88 -18.56 10.72
CA ASN A 353 -26.77 -17.42 10.91
C ASN A 353 -27.76 -17.66 12.05
N LYS A 354 -27.92 -18.93 12.43
CA LYS A 354 -28.87 -19.34 13.44
C LYS A 354 -28.31 -19.33 14.86
N LYS A 355 -27.04 -19.70 15.02
CA LYS A 355 -26.37 -19.51 16.31
C LYS A 355 -25.08 -18.69 16.20
N PRO A 356 -25.21 -17.36 16.37
CA PRO A 356 -24.06 -16.48 16.48
C PRO A 356 -23.41 -16.65 17.85
N ILE A 357 -22.17 -16.18 17.98
CA ILE A 357 -21.50 -16.14 19.27
C ILE A 357 -21.65 -14.74 19.85
N LYS A 358 -22.24 -14.63 21.04
CA LYS A 358 -22.43 -13.33 21.70
C LYS A 358 -21.89 -13.29 23.12
N THR A 359 -21.13 -12.24 23.42
CA THR A 359 -20.68 -11.93 24.77
C THR A 359 -21.86 -11.55 25.64
N ASN A 360 -21.85 -12.02 26.89
CA ASN A 360 -22.89 -11.69 27.86
C ASN A 360 -22.27 -11.41 29.23
N PHE A 361 -21.52 -10.31 29.32
CA PHE A 361 -20.60 -10.13 30.44
C PHE A 361 -21.11 -9.36 31.66
N LYS A 362 -22.02 -8.41 31.44
CA LYS A 362 -22.47 -7.50 32.50
C LYS A 362 -21.34 -6.55 32.89
N GLY A 363 -21.50 -5.27 32.57
CA GLY A 363 -20.43 -4.30 32.77
C GLY A 363 -19.32 -4.46 31.73
N SER A 364 -18.61 -3.37 31.49
CA SER A 364 -17.57 -3.39 30.48
C SER A 364 -16.41 -2.47 30.83
N THR A 365 -15.24 -3.10 30.96
CA THR A 365 -13.97 -2.41 30.83
C THR A 365 -13.86 -2.17 29.35
N GLY A 366 -13.31 -1.04 28.95
CA GLY A 366 -13.16 -0.77 27.52
C GLY A 366 -12.40 -1.86 26.74
N LEU A 367 -11.61 -2.65 27.47
CA LEU A 367 -10.61 -3.57 26.90
C LEU A 367 -11.08 -5.04 26.78
N PHE A 368 -10.86 -5.63 25.60
CA PHE A 368 -11.20 -7.03 25.30
C PHE A 368 -10.14 -7.68 24.42
N ASP A 369 -10.07 -9.01 24.44
CA ASP A 369 -9.33 -9.75 23.41
C ASP A 369 -10.09 -10.98 22.92
N PHE A 370 -9.80 -11.40 21.69
CA PHE A 370 -10.44 -12.56 21.08
C PHE A 370 -9.40 -13.39 20.31
N ASN A 371 -9.47 -14.69 20.50
CA ASN A 371 -8.46 -15.62 19.99
C ASN A 371 -9.20 -16.78 19.32
N ILE A 372 -9.01 -16.92 18.02
CA ILE A 372 -9.77 -17.92 17.24
C ILE A 372 -8.92 -18.77 16.30
N THR A 373 -9.13 -20.09 16.33
CA THR A 373 -8.62 -20.97 15.29
C THR A 373 -9.84 -21.51 14.56
N PHE A 374 -9.82 -21.46 13.23
CA PHE A 374 -10.97 -21.90 12.43
C PHE A 374 -10.62 -22.72 11.17
N LYS A 375 -11.56 -23.59 10.77
CA LYS A 375 -11.47 -24.38 9.54
C LYS A 375 -12.46 -23.84 8.53
N VAL A 376 -12.04 -23.79 7.26
CA VAL A 376 -13.00 -23.52 6.18
C VAL A 376 -13.50 -24.85 5.61
N LEU A 377 -14.76 -25.16 5.88
CA LEU A 377 -15.36 -26.42 5.45
C LEU A 377 -15.72 -26.41 3.95
N ASN A 378 -15.95 -27.60 3.39
CA ASN A 378 -16.42 -27.70 2.03
C ASN A 378 -17.91 -27.41 1.96
N LEU A 379 -18.26 -26.25 1.41
CA LEU A 379 -19.66 -25.86 1.28
C LEU A 379 -19.84 -24.79 0.23
N ASN A 380 -20.72 -25.06 -0.73
CA ASN A 380 -21.10 -24.07 -1.73
C ASN A 380 -22.01 -23.00 -1.13
N VAL A 381 -21.57 -21.75 -1.27
CA VAL A 381 -22.28 -20.61 -0.72
C VAL A 381 -22.24 -19.52 -1.78
N SER A 382 -23.35 -18.78 -1.90
CA SER A 382 -23.46 -17.68 -2.85
C SER A 382 -22.34 -16.64 -2.66
N PRO A 383 -21.82 -16.09 -3.77
CA PRO A 383 -20.61 -15.27 -3.83
C PRO A 383 -20.48 -14.25 -2.70
N GLY A 384 -21.58 -13.61 -2.35
CA GLY A 384 -21.57 -12.59 -1.32
C GLY A 384 -21.68 -13.17 0.05
N LYS A 385 -22.79 -12.85 0.71
CA LYS A 385 -22.95 -13.11 2.12
C LYS A 385 -22.08 -12.07 2.85
N THR A 386 -20.88 -12.49 3.27
CA THR A 386 -19.87 -11.68 4.00
C THR A 386 -19.01 -12.61 4.85
N HIS A 387 -18.53 -13.68 4.24
CA HIS A 387 -17.96 -14.85 4.93
C HIS A 387 -17.41 -14.50 6.33
N PHE A 388 -18.03 -15.08 7.38
CA PHE A 388 -17.89 -14.69 8.82
C PHE A 388 -17.15 -13.42 9.32
N ASP A 389 -17.85 -12.62 10.13
CA ASP A 389 -17.29 -11.40 10.75
C ASP A 389 -17.39 -11.42 12.26
N ILE A 390 -16.41 -10.81 12.92
CA ILE A 390 -16.51 -10.55 14.36
C ILE A 390 -16.81 -9.04 14.55
N LEU A 391 -17.89 -8.74 15.28
CA LEU A 391 -18.37 -7.35 15.46
C LEU A 391 -18.13 -6.85 16.88
N ILE A 392 -17.46 -5.71 17.01
CA ILE A 392 -17.21 -5.10 18.32
C ILE A 392 -18.17 -3.93 18.50
N ASN A 393 -19.16 -4.11 19.36
CA ASN A 393 -20.24 -3.14 19.57
C ASN A 393 -20.06 -2.33 20.84
N SER A 394 -20.55 -1.10 20.81
CA SER A 394 -20.60 -0.27 22.00
C SER A 394 -21.86 -0.52 22.82
N GLN A 395 -21.94 0.17 23.95
CA GLN A 395 -23.17 0.43 24.69
C GLN A 395 -24.17 1.08 23.75
N GLU A 396 -25.45 0.98 24.07
CA GLU A 396 -26.49 1.46 23.17
C GLU A 396 -26.96 2.89 23.46
N LEU A 397 -26.05 3.73 23.94
CA LEU A 397 -26.38 5.11 24.32
C LEU A 397 -26.64 6.03 23.13
N ASN A 398 -27.67 6.87 23.28
CA ASN A 398 -28.13 7.83 22.26
C ASN A 398 -28.97 7.22 21.11
N SER A 399 -29.70 6.15 21.43
CA SER A 399 -30.51 5.39 20.46
C SER A 399 -29.78 4.96 19.18
N SER A 400 -28.48 4.67 19.32
CA SER A 400 -27.65 4.11 18.26
C SER A 400 -26.54 3.31 18.91
N VAL A 401 -25.99 2.36 18.16
CA VAL A 401 -24.86 1.57 18.63
C VAL A 401 -23.70 1.65 17.65
N ASP A 402 -22.55 2.14 18.11
CA ASP A 402 -21.35 2.21 17.27
C ASP A 402 -20.63 0.88 17.31
N SER A 403 -20.11 0.45 16.15
CA SER A 403 -19.38 -0.82 16.06
C SER A 403 -18.34 -0.83 14.95
N ILE A 404 -17.21 -1.50 15.21
CA ILE A 404 -16.23 -1.79 14.16
C ILE A 404 -16.29 -3.28 13.79
N LYS A 405 -15.72 -3.63 12.64
CA LYS A 405 -15.92 -4.96 12.07
C LYS A 405 -14.58 -5.61 11.67
N ILE A 406 -14.37 -6.85 12.09
CA ILE A 406 -13.18 -7.62 11.70
C ILE A 406 -13.63 -8.96 11.17
N GLY A 407 -13.33 -9.25 9.91
CA GLY A 407 -13.86 -10.47 9.28
C GLY A 407 -12.83 -11.22 8.46
N PHE A 408 -13.26 -12.32 7.84
CA PHE A 408 -12.41 -13.10 6.96
C PHE A 408 -13.24 -13.68 5.83
N ASP A 409 -12.85 -13.40 4.59
CA ASP A 409 -13.53 -13.97 3.44
C ASP A 409 -12.76 -15.17 2.90
N SER A 410 -13.41 -16.32 2.83
CA SER A 410 -12.75 -17.57 2.45
C SER A 410 -12.50 -17.69 0.95
N SER A 411 -13.25 -16.97 0.14
CA SER A 411 -13.01 -16.95 -1.31
C SER A 411 -11.80 -16.09 -1.63
N GLN A 412 -11.50 -15.12 -0.75
CA GLN A 412 -10.37 -14.25 -0.98
C GLN A 412 -9.18 -14.61 -0.07
N SER A 413 -9.38 -15.59 0.80
CA SER A 413 -8.36 -16.03 1.77
C SER A 413 -7.69 -14.84 2.46
N SER A 414 -8.52 -13.88 2.89
CA SER A 414 -8.04 -12.62 3.40
C SER A 414 -8.82 -12.18 4.63
N PHE A 415 -8.11 -11.61 5.60
CA PHE A 415 -8.73 -10.93 6.73
C PHE A 415 -8.99 -9.49 6.35
N TYR A 416 -9.92 -8.83 7.04
CA TYR A 416 -10.24 -7.43 6.77
C TYR A 416 -10.83 -6.71 7.99
N ILE A 417 -10.65 -5.40 8.01
CA ILE A 417 -11.24 -4.56 9.03
C ILE A 417 -12.11 -3.47 8.37
N ASP A 418 -13.10 -2.99 9.10
CA ASP A 418 -13.89 -1.85 8.67
C ASP A 418 -14.16 -0.96 9.88
N ARG A 419 -13.32 0.05 10.03
CA ARG A 419 -13.36 0.89 11.21
C ARG A 419 -14.27 2.11 11.05
N HIS A 420 -15.06 2.13 9.97
CA HIS A 420 -16.00 3.22 9.72
C HIS A 420 -17.03 3.31 10.83
N ILE A 421 -17.23 4.52 11.33
CA ILE A 421 -18.22 4.81 12.34
C ILE A 421 -18.99 6.05 11.91
N PRO A 422 -20.34 5.97 11.87
CA PRO A 422 -21.20 7.07 11.45
C PRO A 422 -21.09 8.27 12.38
N ASN A 423 -21.39 9.45 11.84
CA ASN A 423 -21.54 10.70 12.63
C ASN A 423 -20.31 11.21 13.37
N VAL A 424 -19.19 10.50 13.26
CA VAL A 424 -17.95 10.99 13.84
C VAL A 424 -17.14 11.66 12.74
N GLU A 425 -17.00 12.97 12.85
CA GLU A 425 -16.21 13.75 11.92
C GLU A 425 -15.06 14.47 12.62
N PHE A 426 -13.92 14.53 11.95
CA PHE A 426 -12.77 15.30 12.43
C PHE A 426 -11.89 15.72 11.25
N PRO A 427 -11.14 16.83 11.41
CA PRO A 427 -10.27 17.32 10.33
C PRO A 427 -9.36 16.25 9.76
N ARG A 428 -9.33 16.18 8.44
CA ARG A 428 -8.44 15.29 7.69
C ARG A 428 -8.83 13.80 7.57
N LYS A 429 -10.03 13.42 8.01
CA LYS A 429 -10.65 12.20 7.47
C LYS A 429 -10.63 12.44 5.96
N GLN A 430 -10.59 11.38 5.15
CA GLN A 430 -10.18 11.44 3.73
C GLN A 430 -8.94 10.60 3.66
N PHE A 431 -8.12 10.73 4.70
CA PHE A 431 -6.91 9.95 4.85
C PHE A 431 -7.15 8.81 5.84
N PHE A 432 -8.22 8.91 6.61
CA PHE A 432 -8.61 7.91 7.60
C PHE A 432 -9.33 6.75 6.91
N THR A 433 -8.63 5.64 6.67
CA THR A 433 -9.00 4.72 5.60
C THR A 433 -10.24 3.78 5.70
N ASP A 434 -10.54 3.29 6.90
CA ASP A 434 -11.76 2.48 7.11
C ASP A 434 -11.65 0.99 6.70
N LYS A 435 -11.34 0.67 5.46
CA LYS A 435 -11.31 -0.74 5.02
C LYS A 435 -9.92 -1.23 4.62
N LEU A 436 -9.45 -2.30 5.27
CA LEU A 436 -8.06 -2.72 5.07
C LEU A 436 -7.74 -4.21 4.87
N ALA A 437 -6.97 -4.44 3.80
CA ALA A 437 -5.85 -5.40 3.71
C ALA A 437 -6.01 -6.87 4.09
N ALA A 438 -4.83 -7.52 4.13
CA ALA A 438 -4.51 -8.80 4.79
C ALA A 438 -4.82 -10.14 4.08
N TYR A 439 -4.00 -10.51 3.09
CA TYR A 439 -4.07 -11.85 2.45
C TYR A 439 -3.10 -12.84 3.12
N LEU A 440 -3.49 -14.12 3.31
CA LEU A 440 -2.65 -14.98 4.15
C LEU A 440 -2.09 -16.35 3.75
N GLU A 441 -2.90 -17.26 3.22
CA GLU A 441 -2.47 -18.69 3.13
C GLU A 441 -2.74 -19.38 4.46
N PRO A 442 -3.24 -20.63 4.39
CA PRO A 442 -3.59 -21.35 5.60
C PRO A 442 -2.44 -21.46 6.58
N LEU A 443 -2.75 -21.38 7.87
CA LEU A 443 -1.80 -21.63 8.94
C LEU A 443 -1.40 -23.10 8.94
N ASP A 444 -2.33 -23.92 8.47
CA ASP A 444 -2.18 -25.37 8.41
C ASP A 444 -3.33 -25.95 7.59
N TYR A 445 -3.16 -27.19 7.14
CA TYR A 445 -4.24 -27.98 6.58
C TYR A 445 -4.44 -29.16 7.51
N ASP A 446 -5.68 -29.41 7.91
CA ASP A 446 -5.98 -30.63 8.64
C ASP A 446 -7.07 -31.40 7.93
N GLN A 447 -6.61 -32.28 7.04
CA GLN A 447 -7.43 -33.15 6.20
C GLN A 447 -7.90 -32.38 4.97
N ASP A 448 -6.94 -31.77 4.26
CA ASP A 448 -7.21 -30.98 3.04
C ASP A 448 -8.35 -29.98 3.23
N LEU A 449 -8.21 -29.08 4.21
CA LEU A 449 -9.36 -28.30 4.65
C LEU A 449 -9.14 -26.79 4.81
N ARG A 450 -7.93 -26.38 5.18
CA ARG A 450 -7.54 -24.95 5.38
C ARG A 450 -7.90 -24.45 6.77
N VAL A 451 -6.86 -24.24 7.59
CA VAL A 451 -7.00 -23.76 8.95
C VAL A 451 -6.30 -22.41 9.08
N PHE A 452 -6.98 -21.44 9.68
CA PHE A 452 -6.40 -20.12 9.95
C PHE A 452 -6.51 -19.79 11.44
N SER A 453 -5.69 -18.87 11.93
CA SER A 453 -5.90 -18.36 13.29
C SER A 453 -5.84 -16.83 13.39
N LEU A 454 -6.58 -16.31 14.37
CA LEU A 454 -6.73 -14.87 14.55
C LEU A 454 -6.60 -14.54 16.03
N TYR A 455 -5.78 -13.54 16.34
CA TYR A 455 -5.78 -12.93 17.66
C TYR A 455 -5.93 -11.43 17.54
N GLY A 456 -6.91 -10.88 18.25
CA GLY A 456 -7.13 -9.45 18.25
C GLY A 456 -7.28 -8.92 19.66
N ILE A 457 -6.83 -7.68 19.88
CA ILE A 457 -7.04 -7.03 21.16
C ILE A 457 -7.49 -5.59 20.97
N VAL A 458 -8.63 -5.26 21.58
CA VAL A 458 -9.21 -3.92 21.50
C VAL A 458 -8.98 -3.24 22.82
N ASP A 459 -8.32 -2.09 22.81
CA ASP A 459 -8.23 -1.31 24.03
C ASP A 459 -9.42 -0.39 24.15
N LYS A 460 -9.26 0.90 23.88
CA LYS A 460 -10.45 1.76 23.91
C LYS A 460 -10.58 2.62 22.68
N ASN A 461 -9.45 2.88 22.04
CA ASN A 461 -9.42 3.55 20.76
C ASN A 461 -8.50 2.84 19.78
N ILE A 462 -7.98 1.69 20.17
CA ILE A 462 -6.97 1.01 19.35
C ILE A 462 -7.18 -0.50 19.25
N ILE A 463 -7.18 -1.02 18.03
CA ILE A 463 -7.31 -2.45 17.81
C ILE A 463 -6.07 -3.04 17.11
N GLU A 464 -5.48 -4.07 17.70
CA GLU A 464 -4.30 -4.75 17.15
C GLU A 464 -4.63 -6.19 16.75
N LEU A 465 -4.39 -6.52 15.48
CA LEU A 465 -4.73 -7.83 14.93
C LEU A 465 -3.49 -8.62 14.54
N TYR A 466 -3.46 -9.89 14.92
CA TYR A 466 -2.34 -10.78 14.62
C TYR A 466 -2.84 -12.03 13.91
N PHE A 467 -2.57 -12.12 12.62
CA PHE A 467 -3.10 -13.18 11.77
C PHE A 467 -2.14 -14.37 11.69
N ASN A 468 -2.72 -15.57 11.61
CA ASN A 468 -1.99 -16.82 11.89
C ASN A 468 -1.25 -16.70 13.22
N ASP A 469 -0.04 -17.22 13.39
CA ASP A 469 0.55 -17.01 14.72
C ASP A 469 1.49 -15.82 14.72
N GLY A 470 0.95 -14.69 14.26
CA GLY A 470 1.70 -13.45 14.14
C GLY A 470 2.47 -13.29 12.84
N THR A 471 2.01 -13.99 11.80
CA THR A 471 2.58 -13.88 10.45
C THR A 471 2.45 -12.47 9.86
N VAL A 472 1.32 -11.82 10.10
CA VAL A 472 1.15 -10.40 9.76
C VAL A 472 0.34 -9.67 10.84
N ALA A 473 0.76 -8.44 11.15
CA ALA A 473 0.12 -7.61 12.16
C ALA A 473 -0.59 -6.40 11.52
N MET A 474 -1.71 -6.00 12.12
CA MET A 474 -2.50 -4.90 11.59
C MET A 474 -3.01 -4.00 12.72
N THR A 475 -2.34 -2.86 12.91
CA THR A 475 -2.69 -1.91 13.96
C THR A 475 -3.50 -0.71 13.46
N ASN A 476 -4.65 -0.48 14.09
CA ASN A 476 -5.53 0.62 13.71
C ASN A 476 -6.24 1.27 14.89
N THR A 477 -6.22 2.59 14.94
CA THR A 477 -7.05 3.30 15.89
C THR A 477 -8.47 3.42 15.32
N PHE A 478 -9.46 3.44 16.20
CA PHE A 478 -10.86 3.58 15.81
C PHE A 478 -11.50 4.55 16.77
N PHE A 479 -12.57 5.23 16.35
CA PHE A 479 -13.01 6.33 17.21
C PHE A 479 -14.27 6.33 18.07
N MET A 480 -15.45 6.14 17.48
CA MET A 480 -16.70 5.96 18.26
C MET A 480 -17.20 7.22 18.95
N GLY A 481 -18.51 7.42 18.88
CA GLY A 481 -19.16 8.66 19.31
C GLY A 481 -19.01 8.99 20.78
N GLU A 482 -18.98 10.29 21.06
CA GLU A 482 -18.93 10.84 22.40
C GLU A 482 -19.60 9.95 23.44
N GLY A 483 -18.81 9.40 24.36
CA GLY A 483 -19.34 8.61 25.46
C GLY A 483 -19.34 7.11 25.26
N LYS A 484 -19.22 6.67 24.01
CA LYS A 484 -19.32 5.25 23.67
C LYS A 484 -17.98 4.54 23.72
N TYR A 485 -17.97 3.32 24.25
CA TYR A 485 -16.81 2.43 24.20
C TYR A 485 -17.24 0.96 24.04
N PRO A 486 -16.32 0.09 23.56
CA PRO A 486 -16.64 -1.32 23.35
C PRO A 486 -17.28 -1.97 24.58
N HIS A 487 -18.43 -2.60 24.37
CA HIS A 487 -19.18 -3.24 25.45
C HIS A 487 -19.35 -4.75 25.31
N ASP A 488 -19.46 -5.24 24.07
CA ASP A 488 -19.62 -6.66 23.80
C ASP A 488 -19.20 -7.06 22.40
N ILE A 489 -18.96 -8.35 22.20
CA ILE A 489 -18.44 -8.88 20.95
C ILE A 489 -19.30 -10.03 20.42
N GLN A 490 -19.63 -9.97 19.13
CA GLN A 490 -20.38 -11.03 18.45
C GLN A 490 -19.54 -11.64 17.35
N ILE A 491 -19.77 -12.91 17.05
CA ILE A 491 -19.21 -13.54 15.85
C ILE A 491 -20.39 -14.07 15.03
N VAL A 492 -20.56 -13.53 13.83
CA VAL A 492 -21.77 -13.78 13.02
C VAL A 492 -21.47 -14.25 11.59
N THR A 493 -22.50 -14.78 10.92
CA THR A 493 -22.42 -15.23 9.52
C THR A 493 -23.78 -15.14 8.87
N ASP A 494 -23.80 -15.02 7.55
CA ASP A 494 -25.05 -15.06 6.80
C ASP A 494 -25.33 -16.44 6.21
N THR A 495 -24.38 -17.36 6.33
CA THR A 495 -24.53 -18.71 5.77
C THR A 495 -25.54 -19.55 6.57
N GLU A 496 -26.41 -20.26 5.85
CA GLU A 496 -27.42 -21.11 6.49
C GLU A 496 -26.79 -22.33 7.12
N GLU A 497 -25.99 -23.06 6.33
CA GLU A 497 -25.24 -24.20 6.81
C GLU A 497 -23.84 -23.73 7.22
N PRO A 498 -23.11 -24.53 8.02
CA PRO A 498 -21.80 -24.09 8.51
C PRO A 498 -20.70 -24.14 7.46
N LEU A 499 -20.14 -22.97 7.14
CA LEU A 499 -18.98 -22.88 6.26
C LEU A 499 -17.71 -22.77 7.09
N PHE A 500 -17.81 -22.07 8.21
CA PHE A 500 -16.68 -21.95 9.13
C PHE A 500 -16.92 -22.75 10.40
N GLU A 501 -15.92 -23.57 10.76
CA GLU A 501 -15.92 -24.25 12.05
C GLU A 501 -14.83 -23.63 12.92
N LEU A 502 -15.27 -22.97 13.98
CA LEU A 502 -14.32 -22.36 14.93
C LEU A 502 -13.86 -23.44 15.92
N GLU A 503 -12.67 -23.99 15.68
CA GLU A 503 -12.11 -25.05 16.52
C GLU A 503 -11.99 -24.58 17.95
N SER A 504 -11.49 -23.36 18.12
CA SER A 504 -11.37 -22.74 19.42
C SER A 504 -11.78 -21.27 19.36
N VAL A 505 -12.59 -20.84 20.34
CA VAL A 505 -12.96 -19.43 20.49
C VAL A 505 -12.76 -19.04 21.94
N ILE A 506 -11.95 -18.02 22.17
CA ILE A 506 -11.80 -17.44 23.49
C ILE A 506 -11.97 -15.93 23.39
N ILE A 507 -13.05 -15.43 24.00
CA ILE A 507 -13.29 -14.00 24.07
C ILE A 507 -13.17 -13.62 25.52
N ARG A 508 -12.38 -12.58 25.81
CA ARG A 508 -12.10 -12.18 27.19
C ARG A 508 -12.30 -10.68 27.42
N GLU A 509 -12.93 -10.34 28.54
CA GLU A 509 -12.97 -8.97 29.05
C GLU A 509 -11.78 -8.82 29.99
N LEU A 510 -10.85 -7.94 29.62
CA LEU A 510 -9.65 -7.73 30.40
C LEU A 510 -9.71 -6.43 31.19
N ASN A 511 -8.82 -6.26 32.17
CA ASN A 511 -8.70 -5.01 32.92
C ASN A 511 -7.27 -4.76 33.38
N LYS A 512 -6.95 -3.51 33.71
CA LYS A 512 -5.64 -3.10 34.23
C LYS A 512 -5.02 -4.12 35.18
N SER B 5 -32.62 -9.99 -17.71
CA SER B 5 -31.79 -9.41 -18.80
C SER B 5 -31.76 -7.88 -18.73
N VAL B 6 -31.70 -7.36 -17.51
CA VAL B 6 -31.54 -5.92 -17.28
C VAL B 6 -30.15 -5.47 -17.77
N ASP B 7 -30.14 -4.47 -18.64
CA ASP B 7 -28.93 -3.96 -19.28
C ASP B 7 -28.57 -2.59 -18.71
N THR B 8 -27.44 -2.53 -18.01
CA THR B 8 -27.05 -1.33 -17.27
C THR B 8 -26.27 -0.30 -18.12
N SER B 9 -26.02 -0.63 -19.38
CA SER B 9 -25.18 0.18 -20.26
C SER B 9 -25.48 1.68 -20.26
N GLU B 10 -26.77 2.01 -20.29
CA GLU B 10 -27.26 3.39 -20.30
C GLU B 10 -26.60 4.32 -19.27
N TYR B 11 -26.24 3.76 -18.11
CA TYR B 11 -25.67 4.55 -17.02
C TYR B 11 -24.33 4.01 -16.49
N ASN B 12 -23.98 2.78 -16.88
CA ASN B 12 -22.76 2.09 -16.42
C ASN B 12 -21.64 1.95 -17.45
N ARG B 13 -22.03 1.72 -18.70
CA ARG B 13 -21.09 1.36 -19.77
C ARG B 13 -20.22 2.54 -20.19
N PRO B 14 -18.90 2.41 -20.02
CA PRO B 14 -17.97 3.44 -20.49
C PRO B 14 -18.15 3.69 -21.98
N LEU B 15 -17.83 4.89 -22.43
CA LEU B 15 -18.01 5.27 -23.84
C LEU B 15 -16.73 5.23 -24.67
N ILE B 16 -15.60 5.57 -24.04
CA ILE B 16 -14.31 5.61 -24.75
C ILE B 16 -13.26 4.66 -24.16
N HIS B 17 -13.62 3.94 -23.10
CA HIS B 17 -12.84 2.80 -22.64
C HIS B 17 -13.42 1.57 -23.30
N PHE B 18 -12.57 0.65 -23.74
CA PHE B 18 -13.08 -0.57 -24.38
C PHE B 18 -13.79 -1.52 -23.43
N THR B 19 -14.85 -2.11 -23.96
CA THR B 19 -15.78 -2.94 -23.22
C THR B 19 -16.27 -4.02 -24.20
N PRO B 20 -16.31 -5.28 -23.77
CA PRO B 20 -16.92 -6.28 -24.65
C PRO B 20 -18.44 -6.16 -24.65
N GLU B 21 -19.06 -6.48 -25.78
CA GLU B 21 -20.52 -6.44 -25.93
C GLU B 21 -21.16 -7.20 -24.78
N LYS B 22 -20.82 -8.48 -24.69
CA LYS B 22 -21.35 -9.40 -23.67
C LYS B 22 -20.19 -10.17 -23.05
N GLY B 23 -20.38 -10.62 -21.81
CA GLY B 23 -19.44 -11.52 -21.16
C GLY B 23 -18.37 -10.87 -20.31
N TRP B 24 -17.36 -11.67 -19.96
CA TRP B 24 -16.32 -11.27 -19.02
C TRP B 24 -14.98 -11.03 -19.70
N MET B 25 -14.27 -10.01 -19.24
CA MET B 25 -12.91 -9.71 -19.70
C MET B 25 -11.94 -9.53 -18.53
N ASN B 26 -10.70 -9.98 -18.69
CA ASN B 26 -9.60 -9.54 -17.82
C ASN B 26 -8.36 -9.02 -18.57
N ASP B 27 -7.21 -9.67 -18.37
CA ASP B 27 -5.91 -9.20 -18.90
C ASP B 27 -5.99 -8.78 -20.37
N PRO B 28 -5.40 -7.62 -20.72
CA PRO B 28 -5.24 -7.28 -22.14
C PRO B 28 -4.17 -8.17 -22.76
N ASN B 29 -4.36 -8.56 -24.02
CA ASN B 29 -3.46 -9.50 -24.69
C ASN B 29 -3.01 -9.03 -26.06
N GLY B 30 -1.85 -9.54 -26.48
CA GLY B 30 -1.33 -9.37 -27.84
C GLY B 30 -1.47 -8.01 -28.47
N LEU B 31 -1.16 -6.97 -27.69
CA LEU B 31 -1.28 -5.60 -28.15
C LEU B 31 -0.25 -5.28 -29.24
N PHE B 32 -0.73 -4.93 -30.43
CA PHE B 32 0.15 -4.47 -31.49
C PHE B 32 -0.48 -3.41 -32.38
N TYR B 33 0.37 -2.68 -33.10
CA TYR B 33 -0.05 -1.75 -34.13
C TYR B 33 0.23 -2.38 -35.48
N ASP B 34 -0.70 -2.20 -36.42
CA ASP B 34 -0.54 -2.62 -37.80
C ASP B 34 -0.23 -1.38 -38.64
N LYS B 35 0.99 -1.32 -39.17
CA LYS B 35 1.46 -0.15 -39.92
C LYS B 35 0.79 0.05 -41.26
N THR B 36 0.66 -1.00 -42.05
CA THR B 36 0.02 -0.88 -43.36
C THR B 36 -1.49 -0.68 -43.27
N ALA B 37 -2.12 -1.33 -42.29
CA ALA B 37 -3.56 -1.18 -42.07
C ALA B 37 -3.94 0.04 -41.20
N LYS B 38 -2.93 0.75 -40.70
CA LYS B 38 -3.11 1.89 -39.79
C LYS B 38 -4.11 1.56 -38.67
N LEU B 39 -3.82 0.50 -37.93
CA LEU B 39 -4.81 -0.05 -37.02
C LEU B 39 -4.22 -0.61 -35.71
N TRP B 40 -4.81 -0.19 -34.59
CA TRP B 40 -4.44 -0.70 -33.27
C TRP B 40 -5.23 -1.97 -32.97
N HIS B 41 -4.55 -2.96 -32.39
CA HIS B 41 -5.18 -4.23 -32.06
C HIS B 41 -5.21 -4.49 -30.57
N LEU B 42 -6.38 -4.89 -30.09
CA LEU B 42 -6.58 -5.25 -28.71
C LEU B 42 -7.16 -6.65 -28.64
N TYR B 43 -6.46 -7.52 -27.94
CA TYR B 43 -6.96 -8.86 -27.61
C TYR B 43 -7.08 -8.89 -26.08
N PHE B 44 -7.75 -9.92 -25.55
CA PHE B 44 -7.97 -10.02 -24.11
C PHE B 44 -8.51 -11.36 -23.65
N GLN B 45 -8.20 -11.70 -22.40
CA GLN B 45 -8.78 -12.83 -21.72
C GLN B 45 -10.29 -12.67 -21.74
N TYR B 46 -10.95 -13.61 -22.40
CA TYR B 46 -12.37 -13.48 -22.68
C TYR B 46 -13.12 -14.76 -22.37
N ASN B 47 -14.17 -14.62 -21.57
CA ASN B 47 -15.18 -15.66 -21.41
C ASN B 47 -16.52 -15.08 -21.83
N PRO B 48 -17.05 -15.56 -22.98
CA PRO B 48 -18.28 -15.00 -23.54
C PRO B 48 -19.52 -15.55 -22.86
N ASN B 49 -19.37 -16.69 -22.19
CA ASN B 49 -20.49 -17.50 -21.74
C ASN B 49 -21.02 -17.16 -20.35
N ALA B 50 -20.26 -16.38 -19.61
CA ALA B 50 -20.70 -15.92 -18.29
C ALA B 50 -20.18 -14.53 -18.04
N THR B 51 -20.72 -13.90 -17.00
CA THR B 51 -20.31 -12.55 -16.63
C THR B 51 -19.25 -12.58 -15.49
N ALA B 52 -18.43 -13.64 -15.51
CA ALA B 52 -17.35 -13.88 -14.56
C ALA B 52 -16.24 -14.71 -15.24
N TRP B 53 -15.12 -14.95 -14.55
CA TRP B 53 -14.00 -15.72 -15.15
C TRP B 53 -14.41 -17.16 -15.45
N GLY B 54 -14.12 -17.59 -16.67
CA GLY B 54 -14.74 -18.78 -17.23
C GLY B 54 -13.79 -19.82 -17.77
N GLN B 55 -14.15 -21.07 -17.45
CA GLN B 55 -13.33 -22.24 -17.73
C GLN B 55 -12.85 -22.39 -19.18
N PRO B 56 -13.77 -22.43 -20.19
CA PRO B 56 -13.25 -22.35 -21.57
C PRO B 56 -12.98 -20.89 -21.94
N LEU B 57 -11.70 -20.52 -21.98
CA LEU B 57 -11.26 -19.13 -22.04
C LEU B 57 -10.53 -18.78 -23.33
N TYR B 58 -10.90 -17.63 -23.92
CA TYR B 58 -10.46 -17.24 -25.25
C TYR B 58 -9.69 -15.91 -25.25
N TRP B 59 -9.07 -15.64 -26.39
CA TRP B 59 -8.60 -14.30 -26.73
C TRP B 59 -9.69 -13.57 -27.50
N GLY B 60 -10.31 -12.57 -26.89
CA GLY B 60 -11.23 -11.67 -27.59
C GLY B 60 -10.45 -10.77 -28.52
N HIS B 61 -11.14 -10.01 -29.36
CA HIS B 61 -10.44 -9.15 -30.31
C HIS B 61 -11.19 -7.90 -30.76
N ALA B 62 -10.51 -6.76 -30.63
CA ALA B 62 -11.03 -5.48 -31.07
C ALA B 62 -9.96 -4.69 -31.82
N THR B 63 -10.38 -3.81 -32.72
CA THR B 63 -9.47 -2.91 -33.42
C THR B 63 -9.93 -1.46 -33.29
N SER B 64 -8.97 -0.54 -33.45
CA SER B 64 -9.25 0.89 -33.38
C SER B 64 -8.24 1.63 -34.24
N ASN B 65 -8.65 2.79 -34.75
CA ASN B 65 -7.75 3.64 -35.53
C ASN B 65 -7.26 4.85 -34.74
N ASP B 66 -7.81 5.06 -33.55
CA ASP B 66 -7.51 6.25 -32.75
C ASP B 66 -7.37 5.98 -31.25
N LEU B 67 -7.63 4.72 -30.86
CA LEU B 67 -7.53 4.24 -29.45
C LEU B 67 -8.66 4.69 -28.50
N VAL B 68 -9.76 5.20 -29.07
CA VAL B 68 -10.99 5.49 -28.29
C VAL B 68 -12.28 4.97 -28.93
N HIS B 69 -12.20 4.54 -30.19
CA HIS B 69 -13.33 3.92 -30.88
C HIS B 69 -12.99 2.47 -31.28
N TRP B 70 -13.75 1.50 -30.78
CA TRP B 70 -13.40 0.09 -30.94
C TRP B 70 -14.44 -0.73 -31.69
N ASP B 71 -13.97 -1.59 -32.59
CA ASP B 71 -14.81 -2.60 -33.25
C ASP B 71 -14.52 -4.00 -32.67
N GLU B 72 -15.56 -4.68 -32.23
CA GLU B 72 -15.43 -6.02 -31.67
C GLU B 72 -15.55 -7.07 -32.78
N HIS B 73 -14.54 -7.93 -32.87
CA HIS B 73 -14.51 -8.99 -33.90
C HIS B 73 -14.73 -10.36 -33.28
N GLU B 74 -14.62 -11.41 -34.09
CA GLU B 74 -14.81 -12.78 -33.62
C GLU B 74 -13.59 -13.20 -32.79
N ILE B 75 -13.79 -14.17 -31.90
CA ILE B 75 -12.72 -14.78 -31.11
C ILE B 75 -11.46 -14.99 -31.97
N ALA B 76 -10.30 -14.62 -31.44
CA ALA B 76 -9.04 -14.79 -32.16
C ALA B 76 -8.38 -16.16 -31.94
N ILE B 77 -8.34 -16.62 -30.69
CA ILE B 77 -7.82 -17.95 -30.35
C ILE B 77 -8.73 -18.65 -29.33
N GLY B 78 -8.95 -19.94 -29.54
CA GLY B 78 -9.72 -20.76 -28.61
C GLY B 78 -8.90 -21.97 -28.16
N PRO B 79 -9.30 -22.59 -27.05
CA PRO B 79 -8.64 -23.79 -26.55
C PRO B 79 -9.19 -25.07 -27.17
N GLU B 80 -8.39 -26.14 -27.13
CA GLU B 80 -8.77 -27.45 -27.68
C GLU B 80 -9.95 -28.11 -26.96
N HIS B 81 -10.09 -27.86 -25.65
CA HIS B 81 -11.19 -28.42 -24.86
C HIS B 81 -11.78 -27.40 -23.91
N ASP B 82 -13.07 -27.56 -23.59
CA ASP B 82 -13.73 -26.77 -22.54
C ASP B 82 -12.97 -26.90 -21.22
N ASN B 83 -12.06 -27.86 -21.22
CA ASN B 83 -11.28 -28.26 -20.05
C ASN B 83 -10.34 -27.18 -19.54
N GLU B 84 -9.83 -26.35 -20.44
CA GLU B 84 -9.29 -25.04 -20.05
C GLU B 84 -9.07 -24.08 -21.22
N GLY B 85 -8.15 -23.13 -21.08
CA GLY B 85 -8.13 -21.97 -21.98
C GLY B 85 -6.81 -21.37 -22.42
N ILE B 86 -6.93 -20.31 -23.24
CA ILE B 86 -5.81 -19.57 -23.80
C ILE B 86 -5.50 -18.37 -22.92
N PHE B 87 -4.49 -18.51 -22.07
CA PHE B 87 -4.14 -17.47 -21.10
C PHE B 87 -3.37 -16.30 -21.74
N SER B 88 -2.91 -15.37 -20.91
CA SER B 88 -2.29 -14.14 -21.39
C SER B 88 -1.07 -14.36 -22.28
N GLY B 89 -0.84 -13.40 -23.17
CA GLY B 89 0.30 -13.43 -24.06
C GLY B 89 0.46 -12.13 -24.83
N SER B 90 1.41 -12.12 -25.76
CA SER B 90 1.67 -10.94 -26.58
C SER B 90 1.73 -11.28 -28.05
N ILE B 91 1.87 -10.24 -28.87
CA ILE B 91 2.09 -10.40 -30.30
C ILE B 91 3.34 -9.65 -30.71
N VAL B 92 4.09 -10.23 -31.66
CA VAL B 92 5.17 -9.53 -32.36
C VAL B 92 4.97 -9.63 -33.86
N VAL B 93 5.63 -8.73 -34.59
CA VAL B 93 5.63 -8.79 -36.04
C VAL B 93 7.00 -9.25 -36.52
N ASP B 94 7.00 -10.42 -37.15
CA ASP B 94 8.20 -11.08 -37.63
C ASP B 94 8.53 -10.61 -39.05
N HIS B 95 8.89 -9.34 -39.18
CA HIS B 95 9.14 -8.72 -40.50
C HIS B 95 9.99 -9.60 -41.42
N ASN B 96 11.04 -10.18 -40.86
CA ASN B 96 12.03 -10.95 -41.63
C ASN B 96 11.85 -12.47 -41.59
N ASN B 97 10.60 -12.91 -41.42
CA ASN B 97 10.21 -14.34 -41.45
C ASN B 97 11.19 -15.31 -40.76
N THR B 98 11.60 -14.97 -39.53
CA THR B 98 12.51 -15.82 -38.75
C THR B 98 11.83 -17.09 -38.24
N SER B 99 10.49 -17.10 -38.30
CA SER B 99 9.69 -18.25 -37.88
C SER B 99 9.31 -19.15 -39.07
N GLY B 100 9.34 -18.59 -40.27
CA GLY B 100 9.07 -19.36 -41.47
C GLY B 100 7.60 -19.62 -41.73
N PHE B 101 6.77 -18.60 -41.54
CA PHE B 101 5.38 -18.62 -42.01
C PHE B 101 5.19 -17.41 -42.93
N PHE B 102 5.02 -17.67 -44.22
CA PHE B 102 5.10 -16.61 -45.24
C PHE B 102 4.75 -17.20 -46.61
N ASN B 103 3.48 -17.07 -47.01
CA ASN B 103 3.03 -17.60 -48.30
C ASN B 103 3.95 -17.07 -49.38
N SER B 104 4.14 -15.75 -49.36
CA SER B 104 5.18 -15.03 -50.13
C SER B 104 4.80 -13.57 -50.27
N SER B 105 3.50 -13.30 -50.24
CA SER B 105 3.00 -11.93 -50.23
C SER B 105 2.16 -11.70 -48.98
N ILE B 106 2.62 -12.29 -47.87
CA ILE B 106 2.17 -11.88 -46.54
C ILE B 106 3.06 -10.70 -46.14
N ASP B 107 2.48 -9.50 -46.26
CA ASP B 107 3.17 -8.24 -46.04
C ASP B 107 4.06 -8.22 -44.79
N PRO B 108 5.34 -7.80 -44.92
CA PRO B 108 6.13 -7.51 -43.73
C PRO B 108 5.44 -6.43 -42.92
N ASN B 109 5.66 -6.42 -41.61
CA ASN B 109 4.83 -5.64 -40.66
C ASN B 109 3.32 -5.93 -40.66
N GLN B 110 2.96 -7.05 -41.27
CA GLN B 110 1.62 -7.63 -41.16
C GLN B 110 1.82 -9.13 -40.94
N ARG B 111 3.09 -9.52 -40.88
CA ARG B 111 3.56 -10.87 -40.62
C ARG B 111 3.45 -11.12 -39.11
N ILE B 112 2.27 -11.58 -38.67
CA ILE B 112 1.86 -11.54 -37.25
C ILE B 112 1.94 -12.89 -36.51
N VAL B 113 2.67 -12.90 -35.39
CA VAL B 113 2.83 -14.10 -34.55
C VAL B 113 2.38 -13.81 -33.12
N ALA B 114 1.52 -14.68 -32.58
CA ALA B 114 1.03 -14.60 -31.19
C ALA B 114 1.76 -15.58 -30.29
N ILE B 115 2.30 -15.09 -29.17
CA ILE B 115 2.94 -15.95 -28.17
C ILE B 115 2.09 -15.89 -26.90
N TYR B 116 1.63 -17.05 -26.44
CA TYR B 116 0.66 -17.10 -25.35
C TYR B 116 0.87 -18.32 -24.45
N THR B 117 0.25 -18.27 -23.27
CA THR B 117 0.24 -19.40 -22.34
C THR B 117 -0.96 -20.29 -22.63
N ASN B 118 -0.69 -21.59 -22.77
CA ASN B 118 -1.74 -22.57 -22.95
C ASN B 118 -2.02 -23.29 -21.63
N ASN B 119 -3.19 -23.05 -21.06
CA ASN B 119 -3.55 -23.63 -19.77
C ASN B 119 -4.28 -24.95 -19.88
N ILE B 120 -3.62 -26.01 -19.43
CA ILE B 120 -4.13 -27.38 -19.42
C ILE B 120 -4.27 -27.73 -17.95
N PRO B 121 -5.16 -28.69 -17.61
CA PRO B 121 -5.14 -29.25 -16.25
C PRO B 121 -3.74 -29.72 -15.87
N ASP B 122 -3.24 -29.19 -14.75
CA ASP B 122 -1.92 -29.54 -14.18
C ASP B 122 -0.72 -29.10 -15.03
N ASN B 123 -0.94 -28.24 -16.02
CA ASN B 123 0.14 -27.82 -16.92
C ASN B 123 -0.07 -26.46 -17.58
N GLN B 124 0.91 -25.58 -17.42
CA GLN B 124 0.96 -24.30 -18.14
C GLN B 124 2.23 -24.25 -19.00
N THR B 125 2.05 -23.95 -20.28
CA THR B 125 3.14 -23.91 -21.24
C THR B 125 3.09 -22.66 -22.10
N GLN B 126 4.16 -22.39 -22.83
CA GLN B 126 4.19 -21.28 -23.78
C GLN B 126 4.07 -21.81 -25.20
N ASP B 127 3.01 -21.40 -25.88
CA ASP B 127 2.71 -21.85 -27.23
C ASP B 127 2.69 -20.65 -28.17
N ILE B 128 2.84 -20.90 -29.47
CA ILE B 128 2.79 -19.82 -30.46
C ILE B 128 1.77 -20.10 -31.57
N ALA B 129 1.27 -19.03 -32.17
CA ALA B 129 0.32 -19.11 -33.28
C ALA B 129 0.52 -17.94 -34.23
N PHE B 130 0.18 -18.14 -35.50
CA PHE B 130 0.40 -17.13 -36.53
C PHE B 130 -0.86 -16.80 -37.32
N SER B 131 -0.98 -15.53 -37.70
CA SER B 131 -2.13 -15.05 -38.47
C SER B 131 -1.71 -14.55 -39.86
N LEU B 132 -2.43 -15.00 -40.88
CA LEU B 132 -2.14 -14.63 -42.26
C LEU B 132 -3.14 -13.62 -42.83
N ASP B 133 -4.18 -13.31 -42.06
CA ASP B 133 -5.24 -12.41 -42.52
C ASP B 133 -5.27 -11.04 -41.83
N GLY B 134 -4.19 -10.70 -41.13
CA GLY B 134 -4.06 -9.41 -40.48
C GLY B 134 -4.36 -9.42 -39.00
N GLY B 135 -4.36 -10.60 -38.40
CA GLY B 135 -4.59 -10.75 -36.97
C GLY B 135 -6.04 -11.01 -36.59
N TYR B 136 -6.76 -11.72 -37.45
CA TYR B 136 -8.18 -12.00 -37.19
C TYR B 136 -8.43 -13.49 -36.91
N THR B 137 -7.80 -14.36 -37.71
CA THR B 137 -7.77 -15.79 -37.44
C THR B 137 -6.33 -16.25 -37.26
N PHE B 138 -6.15 -17.30 -36.45
CA PHE B 138 -4.82 -17.79 -36.13
C PHE B 138 -4.68 -19.29 -36.39
N THR B 139 -3.45 -19.71 -36.69
CA THR B 139 -3.11 -21.12 -36.79
C THR B 139 -2.07 -21.47 -35.73
N LYS B 140 -2.35 -22.48 -34.93
CA LYS B 140 -1.44 -22.95 -33.89
C LYS B 140 -0.27 -23.73 -34.48
N TYR B 141 0.91 -23.52 -33.93
CA TYR B 141 2.13 -24.14 -34.43
C TYR B 141 2.18 -25.64 -34.11
N GLU B 142 2.42 -26.46 -35.13
CA GLU B 142 2.42 -27.92 -35.02
C GLU B 142 3.10 -28.45 -33.77
N ASN B 143 4.27 -27.91 -33.47
CA ASN B 143 5.13 -28.44 -32.42
C ASN B 143 5.06 -27.70 -31.09
N ASN B 144 3.89 -27.13 -30.80
CA ASN B 144 3.57 -26.59 -29.48
C ASN B 144 3.68 -27.68 -28.42
N PRO B 145 4.08 -27.31 -27.18
CA PRO B 145 4.50 -25.98 -26.71
C PRO B 145 5.91 -25.61 -27.18
N VAL B 146 6.20 -24.32 -27.27
CA VAL B 146 7.56 -23.87 -27.58
C VAL B 146 8.45 -23.90 -26.34
N ILE B 147 7.84 -23.68 -25.17
CA ILE B 147 8.52 -23.89 -23.88
C ILE B 147 7.62 -24.64 -22.92
N ASP B 148 8.17 -25.69 -22.32
CA ASP B 148 7.49 -26.47 -21.30
C ASP B 148 8.49 -26.76 -20.19
N VAL B 149 8.16 -26.35 -18.98
CA VAL B 149 9.07 -26.49 -17.85
C VAL B 149 8.52 -27.50 -16.82
N SER B 150 7.53 -28.28 -17.26
CA SER B 150 6.78 -29.20 -16.40
C SER B 150 6.15 -28.48 -15.22
N SER B 151 5.53 -27.33 -15.49
CA SER B 151 4.98 -26.54 -14.40
C SER B 151 3.50 -26.22 -14.49
N ASN B 152 2.93 -26.06 -13.31
CA ASN B 152 1.53 -25.75 -13.11
C ASN B 152 1.37 -24.23 -12.98
N GLN B 153 2.48 -23.52 -12.84
CA GLN B 153 2.46 -22.10 -12.53
C GLN B 153 3.59 -21.36 -13.25
N PHE B 154 3.34 -21.03 -14.52
CA PHE B 154 4.35 -20.56 -15.46
C PHE B 154 3.62 -19.92 -16.64
N ARG B 155 3.51 -18.59 -16.64
CA ARG B 155 2.61 -17.91 -17.59
C ARG B 155 2.94 -16.45 -17.97
N ASP B 156 2.18 -15.96 -18.94
CA ASP B 156 2.14 -14.54 -19.38
C ASP B 156 3.39 -14.05 -20.13
N PRO B 157 3.64 -14.59 -21.32
CA PRO B 157 4.81 -14.20 -22.10
C PRO B 157 4.64 -12.88 -22.84
N LYS B 158 5.62 -12.01 -22.67
CA LYS B 158 5.74 -10.76 -23.41
C LYS B 158 7.03 -10.83 -24.20
N VAL B 159 6.94 -10.88 -25.53
CA VAL B 159 8.16 -10.98 -26.35
C VAL B 159 8.37 -9.72 -27.20
N PHE B 160 9.63 -9.47 -27.56
CA PHE B 160 10.02 -8.33 -28.41
C PHE B 160 11.36 -8.62 -29.10
N TRP B 161 11.62 -7.94 -30.21
CA TRP B 161 12.89 -8.08 -30.89
C TRP B 161 13.91 -7.14 -30.27
N HIS B 162 15.11 -7.66 -30.02
CA HIS B 162 16.18 -6.89 -29.41
C HIS B 162 17.42 -6.96 -30.29
N GLU B 163 17.73 -5.86 -30.99
CA GLU B 163 18.97 -5.74 -31.76
C GLU B 163 20.18 -5.72 -30.81
N ASP B 164 21.38 -5.64 -31.39
CA ASP B 164 22.66 -5.67 -30.64
C ASP B 164 22.84 -6.82 -29.63
N SER B 165 21.83 -7.67 -29.48
CA SER B 165 22.04 -9.04 -29.02
C SER B 165 21.49 -9.99 -30.08
N ASN B 166 20.81 -9.40 -31.07
CA ASN B 166 20.34 -10.09 -32.27
C ASN B 166 19.45 -11.31 -32.00
N GLN B 167 18.46 -11.14 -31.11
CA GLN B 167 17.55 -12.21 -30.74
C GLN B 167 16.17 -11.73 -30.32
N TRP B 168 15.19 -12.64 -30.37
CA TRP B 168 13.90 -12.44 -29.73
C TRP B 168 14.06 -12.65 -28.23
N ILE B 169 13.54 -11.71 -27.45
CA ILE B 169 13.54 -11.83 -26.00
C ILE B 169 12.13 -12.14 -25.53
N MET B 170 12.00 -13.17 -24.71
CA MET B 170 10.76 -13.43 -24.00
C MET B 170 10.90 -13.10 -22.52
N VAL B 171 9.98 -12.29 -22.04
CA VAL B 171 9.84 -12.03 -20.63
C VAL B 171 8.55 -12.72 -20.14
N VAL B 172 8.74 -13.80 -19.38
CA VAL B 172 7.64 -14.61 -18.86
C VAL B 172 7.88 -14.82 -17.36
N SER B 173 6.85 -15.27 -16.64
CA SER B 173 6.96 -15.35 -15.18
C SER B 173 6.68 -16.74 -14.61
N LYS B 174 7.61 -17.24 -13.81
CA LYS B 174 7.37 -18.45 -13.02
C LYS B 174 6.73 -18.02 -11.70
N SER B 175 5.40 -17.88 -11.76
CA SER B 175 4.60 -17.13 -10.79
C SER B 175 4.90 -17.34 -9.31
N GLN B 176 4.85 -18.59 -8.85
CA GLN B 176 4.97 -18.85 -7.42
C GLN B 176 6.42 -18.98 -6.95
N GLU B 177 7.36 -18.93 -7.88
CA GLU B 177 8.78 -18.90 -7.54
C GLU B 177 9.30 -17.46 -7.40
N TYR B 178 8.42 -16.49 -7.68
CA TYR B 178 8.77 -15.07 -7.69
C TYR B 178 9.94 -14.76 -8.61
N LYS B 179 9.93 -15.35 -9.81
CA LYS B 179 10.98 -15.08 -10.81
C LYS B 179 10.36 -14.62 -12.13
N ILE B 180 10.80 -13.46 -12.64
CA ILE B 180 10.60 -13.13 -14.04
C ILE B 180 11.72 -13.82 -14.79
N GLN B 181 11.35 -14.73 -15.67
CA GLN B 181 12.32 -15.51 -16.43
C GLN B 181 12.54 -14.90 -17.83
N ILE B 182 13.80 -14.67 -18.18
CA ILE B 182 14.18 -14.07 -19.47
C ILE B 182 14.74 -15.13 -20.42
N PHE B 183 14.07 -15.33 -21.55
CA PHE B 183 14.46 -16.30 -22.58
C PHE B 183 14.98 -15.61 -23.85
N GLY B 184 15.75 -16.36 -24.63
CA GLY B 184 16.24 -15.89 -25.93
C GLY B 184 15.90 -16.86 -27.06
N SER B 185 15.86 -16.35 -28.28
CA SER B 185 15.55 -17.15 -29.46
C SER B 185 15.84 -16.37 -30.74
N ALA B 186 16.36 -17.05 -31.76
CA ALA B 186 16.54 -16.45 -33.08
C ALA B 186 15.37 -16.86 -33.98
N ASN B 187 14.37 -17.45 -33.34
CA ASN B 187 13.48 -18.40 -33.97
C ASN B 187 11.99 -18.19 -33.67
N LEU B 188 11.68 -17.79 -32.43
CA LEU B 188 10.33 -17.83 -31.82
C LEU B 188 9.86 -19.26 -31.49
N LYS B 189 10.57 -20.27 -32.01
CA LYS B 189 10.23 -21.67 -31.76
C LYS B 189 11.11 -22.31 -30.68
N ASN B 190 12.43 -22.12 -30.81
CA ASN B 190 13.40 -22.70 -29.87
C ASN B 190 13.94 -21.64 -28.92
N TRP B 191 13.80 -21.89 -27.62
CA TRP B 191 14.16 -20.88 -26.63
C TRP B 191 15.25 -21.33 -25.65
N VAL B 192 16.02 -20.37 -25.15
CA VAL B 192 17.08 -20.63 -24.19
C VAL B 192 16.96 -19.69 -23.00
N LEU B 193 17.01 -20.23 -21.78
CA LEU B 193 16.91 -19.44 -20.55
C LEU B 193 18.19 -18.64 -20.29
N ASN B 194 18.03 -17.32 -20.24
CA ASN B 194 19.17 -16.42 -20.11
C ASN B 194 19.40 -15.94 -18.68
N SER B 195 18.32 -15.56 -17.98
CA SER B 195 18.43 -15.16 -16.58
C SER B 195 17.10 -15.15 -15.84
N ASN B 196 17.21 -15.00 -14.52
CA ASN B 196 16.08 -14.94 -13.60
C ASN B 196 16.12 -13.60 -12.88
N PHE B 197 14.98 -12.93 -12.75
CA PHE B 197 14.94 -11.67 -11.99
C PHE B 197 13.89 -11.69 -10.87
N SER B 198 14.32 -11.29 -9.66
CA SER B 198 13.45 -11.26 -8.48
C SER B 198 13.68 -10.05 -7.60
N SER B 199 12.68 -9.16 -7.54
CA SER B 199 12.78 -7.95 -6.72
C SER B 199 11.40 -7.37 -6.41
N GLY B 200 11.36 -6.17 -5.81
CA GLY B 200 10.11 -5.47 -5.52
C GLY B 200 9.14 -6.16 -4.56
N TYR B 201 7.86 -5.81 -4.68
CA TYR B 201 6.83 -6.34 -3.79
C TYR B 201 6.39 -7.71 -4.28
N TYR B 202 6.65 -8.74 -3.48
CA TYR B 202 6.38 -10.12 -3.88
C TYR B 202 4.88 -10.44 -3.94
N GLY B 203 4.19 -10.15 -2.84
CA GLY B 203 2.79 -10.57 -2.67
C GLY B 203 2.64 -12.07 -2.80
N ASN B 204 1.56 -12.50 -3.44
CA ASN B 204 1.32 -13.93 -3.65
C ASN B 204 2.07 -14.54 -4.85
N GLN B 205 1.89 -13.97 -6.05
CA GLN B 205 2.58 -14.47 -7.25
C GLN B 205 3.02 -13.35 -8.16
N TYR B 206 4.03 -13.63 -8.98
CA TYR B 206 4.40 -12.77 -10.10
C TYR B 206 3.47 -13.09 -11.27
N GLU B 207 3.00 -12.06 -11.97
CA GLU B 207 2.19 -12.23 -13.18
C GLU B 207 2.54 -11.14 -14.19
N CYS B 208 2.20 -11.38 -15.46
CA CYS B 208 2.32 -10.38 -16.54
C CYS B 208 3.55 -9.49 -16.50
N PRO B 209 4.74 -10.06 -16.76
CA PRO B 209 5.88 -9.17 -16.81
C PRO B 209 5.98 -8.42 -18.15
N GLY B 210 6.69 -7.29 -18.15
CA GLY B 210 6.97 -6.54 -19.35
C GLY B 210 8.40 -6.01 -19.31
N LEU B 211 9.00 -5.84 -20.48
CA LEU B 211 10.33 -5.26 -20.57
C LEU B 211 10.44 -4.45 -21.87
N ILE B 212 10.73 -3.16 -21.71
CA ILE B 212 10.69 -2.23 -22.84
C ILE B 212 11.58 -1.02 -22.58
N GLU B 213 12.09 -0.44 -23.65
CA GLU B 213 12.98 0.72 -23.58
C GLU B 213 12.16 2.00 -23.64
N VAL B 214 12.28 2.81 -22.59
CA VAL B 214 11.48 4.02 -22.41
C VAL B 214 12.38 5.26 -22.45
N PRO B 215 12.01 6.28 -23.24
CA PRO B 215 12.80 7.52 -23.33
C PRO B 215 12.79 8.39 -22.07
N ILE B 216 13.91 9.08 -21.83
CA ILE B 216 13.98 10.15 -20.83
C ILE B 216 13.58 11.47 -21.52
N GLU B 217 12.72 12.24 -20.84
CA GLU B 217 11.92 13.29 -21.47
C GLU B 217 12.62 14.32 -22.36
N ASN B 218 13.74 14.86 -21.92
CA ASN B 218 14.40 15.85 -22.78
C ASN B 218 15.49 15.27 -23.65
N SER B 219 16.38 14.48 -23.05
CA SER B 219 17.50 13.89 -23.76
C SER B 219 17.13 12.94 -24.92
N ASP B 220 18.18 12.45 -25.58
CA ASP B 220 18.11 11.35 -26.53
C ASP B 220 18.41 10.03 -25.81
N LYS B 221 18.65 10.13 -24.50
CA LYS B 221 18.90 8.98 -23.63
C LYS B 221 17.60 8.27 -23.26
N SER B 222 17.72 7.02 -22.79
CA SER B 222 16.58 6.23 -22.33
C SER B 222 17.00 5.21 -21.26
N LYS B 223 16.02 4.49 -20.71
CA LYS B 223 16.29 3.36 -19.80
C LYS B 223 15.38 2.18 -20.13
N TRP B 224 15.74 1.01 -19.60
CA TRP B 224 14.90 -0.18 -19.71
C TRP B 224 14.03 -0.30 -18.48
N VAL B 225 12.75 -0.60 -18.69
CA VAL B 225 11.81 -0.72 -17.58
C VAL B 225 11.22 -2.13 -17.53
N MET B 226 11.32 -2.77 -16.38
CA MET B 226 10.65 -4.04 -16.11
C MET B 226 9.31 -3.77 -15.49
N PHE B 227 8.25 -4.24 -16.14
CA PHE B 227 6.90 -4.17 -15.58
C PHE B 227 6.53 -5.51 -14.98
N LEU B 228 5.86 -5.47 -13.83
CA LEU B 228 5.51 -6.70 -13.15
C LEU B 228 4.18 -6.52 -12.45
N ALA B 229 3.27 -7.47 -12.67
CA ALA B 229 1.98 -7.47 -11.98
C ALA B 229 1.96 -8.52 -10.87
N ILE B 230 1.40 -8.15 -9.73
CA ILE B 230 1.22 -9.09 -8.63
C ILE B 230 -0.23 -9.13 -8.17
N ASN B 231 -0.69 -10.33 -7.81
CA ASN B 231 -2.00 -10.56 -7.20
C ASN B 231 -2.04 -11.95 -6.57
N PRO B 232 -2.65 -12.09 -5.39
CA PRO B 232 -3.31 -11.12 -4.52
C PRO B 232 -2.48 -10.50 -3.37
N GLY B 233 -1.22 -10.18 -3.62
CA GLY B 233 -0.43 -9.58 -2.55
C GLY B 233 -0.49 -8.07 -2.34
N SER B 234 -1.15 -7.34 -3.24
CA SER B 234 -1.05 -5.87 -3.27
C SER B 234 -1.17 -5.22 -1.89
N PRO B 235 -0.19 -4.38 -1.52
CA PRO B 235 -0.29 -3.70 -0.22
C PRO B 235 -1.57 -2.85 -0.11
N LEU B 236 -2.09 -2.40 -1.25
CA LEU B 236 -3.30 -1.61 -1.33
C LEU B 236 -4.58 -2.42 -1.25
N GLY B 237 -4.50 -3.73 -1.51
CA GLY B 237 -5.68 -4.57 -1.67
C GLY B 237 -5.42 -5.86 -2.42
N GLY B 238 -5.97 -6.00 -3.61
CA GLY B 238 -5.86 -7.28 -4.29
C GLY B 238 -4.71 -7.36 -5.27
N SER B 239 -4.97 -6.86 -6.48
CA SER B 239 -4.04 -6.82 -7.58
C SER B 239 -3.42 -5.43 -7.72
N ILE B 240 -2.23 -5.36 -8.33
CA ILE B 240 -1.50 -4.10 -8.60
C ILE B 240 -0.34 -4.32 -9.57
N ASN B 241 0.13 -3.24 -10.20
CA ASN B 241 1.29 -3.24 -11.13
C ASN B 241 2.46 -2.44 -10.59
N GLN B 242 3.67 -2.96 -10.78
CA GLN B 242 4.90 -2.30 -10.32
C GLN B 242 5.95 -2.27 -11.43
N TYR B 243 7.02 -1.52 -11.19
CA TYR B 243 8.05 -1.38 -12.21
C TYR B 243 9.47 -1.18 -11.64
N PHE B 244 10.47 -1.46 -12.46
CA PHE B 244 11.87 -1.24 -12.10
C PHE B 244 12.59 -0.52 -13.24
N VAL B 245 13.50 0.37 -12.89
CA VAL B 245 14.22 1.17 -13.89
C VAL B 245 15.70 0.78 -13.91
N GLY B 246 16.20 0.36 -15.07
CA GLY B 246 17.61 0.01 -15.20
C GLY B 246 18.12 -0.21 -16.61
N ASP B 247 19.00 -1.20 -16.74
CA ASP B 247 19.70 -1.53 -18.00
C ASP B 247 19.39 -2.95 -18.46
N PHE B 248 19.74 -3.24 -19.71
CA PHE B 248 19.49 -4.55 -20.29
C PHE B 248 20.36 -4.80 -21.52
N ASP B 249 21.11 -5.91 -21.50
CA ASP B 249 22.00 -6.25 -22.62
C ASP B 249 21.45 -7.35 -23.55
N GLY B 250 20.28 -7.87 -23.22
CA GLY B 250 19.70 -8.99 -23.95
C GLY B 250 19.76 -10.29 -23.16
N PHE B 251 20.38 -10.24 -21.99
CA PHE B 251 20.64 -11.44 -21.21
C PHE B 251 20.16 -11.32 -19.75
N GLN B 252 20.65 -10.32 -19.02
CA GLN B 252 20.05 -9.99 -17.71
C GLN B 252 19.68 -8.52 -17.57
N PHE B 253 18.57 -8.28 -16.87
CA PHE B 253 18.12 -6.94 -16.53
C PHE B 253 18.79 -6.52 -15.23
N VAL B 254 19.41 -5.34 -15.23
CA VAL B 254 20.09 -4.82 -14.05
C VAL B 254 19.56 -3.43 -13.66
N PRO B 255 18.74 -3.37 -12.58
CA PRO B 255 18.10 -2.12 -12.16
C PRO B 255 19.07 -1.12 -11.52
N ASP B 256 18.79 0.17 -11.71
CA ASP B 256 19.62 1.26 -11.16
C ASP B 256 19.60 1.28 -9.64
N ASP B 257 18.48 0.89 -9.07
CA ASP B 257 18.34 0.77 -7.62
C ASP B 257 17.56 -0.48 -7.25
N SER B 258 17.25 -0.62 -5.96
CA SER B 258 16.45 -1.74 -5.46
C SER B 258 15.22 -1.23 -4.70
N GLN B 259 14.57 -0.21 -5.26
CA GLN B 259 13.36 0.36 -4.66
C GLN B 259 12.09 -0.14 -5.34
N THR B 260 11.01 -0.22 -4.58
CA THR B 260 9.73 -0.66 -5.10
C THR B 260 8.88 0.56 -5.46
N ARG B 261 8.32 0.56 -6.67
CA ARG B 261 7.42 1.62 -7.11
C ARG B 261 6.26 1.01 -7.89
N PHE B 262 5.07 1.54 -7.69
CA PHE B 262 3.91 1.05 -8.43
C PHE B 262 3.59 1.92 -9.64
N VAL B 263 3.08 1.29 -10.69
CA VAL B 263 2.74 2.00 -11.92
C VAL B 263 1.54 2.91 -11.69
N ASP B 264 0.55 2.40 -10.98
CA ASP B 264 -0.68 3.13 -10.71
C ASP B 264 -1.11 2.83 -9.27
N ILE B 265 -1.35 3.86 -8.47
CA ILE B 265 -1.78 3.65 -7.07
C ILE B 265 -3.27 3.84 -6.83
N GLY B 266 -4.06 3.57 -7.86
CA GLY B 266 -5.47 3.31 -7.67
C GLY B 266 -5.65 1.82 -7.39
N LYS B 267 -6.88 1.43 -7.13
CA LYS B 267 -7.20 0.06 -6.83
C LYS B 267 -7.36 -0.80 -8.11
N ASP B 268 -7.56 -0.15 -9.27
CA ASP B 268 -8.06 -0.84 -10.46
C ASP B 268 -7.19 -0.67 -11.71
N PHE B 269 -5.91 -1.03 -11.61
CA PHE B 269 -4.98 -0.98 -12.74
C PHE B 269 -4.02 -2.18 -12.70
N TYR B 270 -4.36 -3.23 -13.43
CA TYR B 270 -3.68 -4.53 -13.34
C TYR B 270 -3.47 -5.18 -14.71
N ALA B 271 -2.49 -6.08 -14.77
CA ALA B 271 -2.13 -6.81 -16.00
C ALA B 271 -1.76 -5.85 -17.14
N PHE B 272 -1.02 -4.80 -16.79
CA PHE B 272 -0.53 -3.83 -17.77
C PHE B 272 0.31 -4.49 -18.86
N GLN B 273 0.01 -4.16 -20.11
CA GLN B 273 0.85 -4.58 -21.22
C GLN B 273 1.11 -3.44 -22.19
N THR B 274 2.23 -3.54 -22.89
CA THR B 274 2.71 -2.53 -23.80
C THR B 274 2.31 -2.89 -25.24
N PHE B 275 2.15 -1.88 -26.11
CA PHE B 275 1.83 -2.11 -27.52
C PHE B 275 3.08 -2.40 -28.34
N SER B 276 2.99 -3.35 -29.27
CA SER B 276 4.08 -3.63 -30.23
C SER B 276 4.03 -2.68 -31.40
N GLU B 277 5.19 -2.53 -32.06
CA GLU B 277 5.30 -1.78 -33.32
C GLU B 277 4.91 -0.31 -33.22
N VAL B 278 5.08 0.28 -32.03
CA VAL B 278 4.94 1.71 -31.85
C VAL B 278 6.27 2.36 -32.19
N GLU B 279 6.30 3.18 -33.24
CA GLU B 279 7.49 3.94 -33.58
C GLU B 279 7.48 5.28 -32.85
N HIS B 280 8.64 5.64 -32.30
CA HIS B 280 8.81 6.73 -31.30
C HIS B 280 7.76 6.82 -30.17
N GLY B 281 8.19 6.49 -28.96
CA GLY B 281 7.35 6.53 -27.76
C GLY B 281 6.96 5.15 -27.28
N VAL B 282 6.46 5.07 -26.04
CA VAL B 282 5.95 3.80 -25.49
C VAL B 282 4.49 3.93 -25.07
N LEU B 283 3.67 2.98 -25.54
CA LEU B 283 2.23 3.00 -25.29
C LEU B 283 1.73 1.69 -24.70
N GLY B 284 0.80 1.79 -23.76
CA GLY B 284 0.20 0.61 -23.13
C GLY B 284 -1.09 0.90 -22.39
N LEU B 285 -1.82 -0.16 -22.07
CA LEU B 285 -3.03 -0.06 -21.25
C LEU B 285 -3.17 -1.28 -20.34
N ALA B 286 -4.13 -1.22 -19.43
CA ALA B 286 -4.33 -2.28 -18.43
C ALA B 286 -5.80 -2.69 -18.29
N TRP B 287 -6.00 -3.81 -17.60
CA TRP B 287 -7.33 -4.24 -17.19
C TRP B 287 -7.74 -3.36 -16.03
N ALA B 288 -8.87 -2.68 -16.17
CA ALA B 288 -9.24 -1.61 -15.23
C ALA B 288 -10.15 -2.08 -14.11
N SER B 289 -9.68 -3.09 -13.37
CA SER B 289 -10.41 -3.60 -12.22
C SER B 289 -9.46 -4.26 -11.22
N ASN B 290 -10.02 -4.76 -10.13
CA ASN B 290 -9.23 -5.45 -9.11
C ASN B 290 -9.75 -6.83 -8.83
N TRP B 291 -8.85 -7.81 -8.79
CA TRP B 291 -9.24 -9.23 -8.70
C TRP B 291 -10.16 -9.60 -7.53
N GLN B 292 -10.16 -8.81 -6.46
CA GLN B 292 -10.91 -9.20 -5.27
C GLN B 292 -12.40 -8.90 -5.35
N TYR B 293 -12.81 -8.10 -6.33
CA TYR B 293 -14.22 -7.77 -6.48
C TYR B 293 -14.70 -7.63 -7.92
N ALA B 294 -13.80 -7.88 -8.87
CA ALA B 294 -14.04 -7.63 -10.30
C ALA B 294 -15.27 -8.33 -10.90
N ASP B 295 -15.64 -9.48 -10.35
CA ASP B 295 -16.76 -10.26 -10.88
C ASP B 295 -18.07 -10.07 -10.10
N GLN B 296 -18.14 -9.03 -9.28
CA GLN B 296 -19.30 -8.77 -8.44
C GLN B 296 -19.87 -7.38 -8.64
N VAL B 297 -19.16 -6.56 -9.41
CA VAL B 297 -19.56 -5.18 -9.68
C VAL B 297 -20.84 -5.14 -10.53
N PRO B 298 -21.78 -4.24 -10.18
CA PRO B 298 -23.14 -4.24 -10.77
C PRO B 298 -23.23 -3.75 -12.21
N THR B 299 -22.65 -4.51 -13.15
CA THR B 299 -22.77 -4.22 -14.58
C THR B 299 -23.25 -5.44 -15.36
N ASN B 300 -24.13 -5.22 -16.33
CA ASN B 300 -24.70 -6.29 -17.15
C ASN B 300 -25.07 -5.81 -18.55
N PRO B 301 -24.87 -6.64 -19.59
CA PRO B 301 -24.42 -8.03 -19.62
C PRO B 301 -22.90 -8.22 -19.79
N TRP B 302 -22.11 -7.26 -19.33
CA TRP B 302 -20.66 -7.37 -19.39
C TRP B 302 -20.04 -7.05 -18.03
N ARG B 303 -18.79 -7.45 -17.85
CA ARG B 303 -17.99 -6.97 -16.75
C ARG B 303 -16.58 -6.65 -17.22
N SER B 304 -16.04 -5.56 -16.70
CA SER B 304 -14.66 -5.11 -16.98
C SER B 304 -14.55 -4.18 -18.17
N SER B 305 -13.68 -3.18 -18.02
CA SER B 305 -13.25 -2.37 -19.13
C SER B 305 -11.73 -2.30 -19.08
N THR B 306 -11.17 -1.86 -20.18
CA THR B 306 -9.74 -1.64 -20.27
C THR B 306 -9.55 -0.19 -19.80
N SER B 307 -8.33 0.20 -19.48
CA SER B 307 -8.05 1.61 -19.18
C SER B 307 -7.82 2.35 -20.50
N LEU B 308 -7.71 3.68 -20.45
CA LEU B 308 -7.27 4.44 -21.61
C LEU B 308 -5.83 4.04 -21.96
N ALA B 309 -5.43 4.25 -23.20
CA ALA B 309 -4.05 4.02 -23.59
C ALA B 309 -3.22 5.15 -23.02
N ARG B 310 -1.99 4.85 -22.63
CA ARG B 310 -1.14 5.87 -22.02
C ARG B 310 0.23 5.94 -22.68
N ASN B 311 0.75 7.16 -22.79
CA ASN B 311 2.08 7.42 -23.32
C ASN B 311 3.05 7.44 -22.13
N TYR B 312 4.10 6.61 -22.20
CA TYR B 312 4.99 6.40 -21.06
C TYR B 312 6.37 6.98 -21.28
N THR B 313 6.75 7.89 -20.40
CA THR B 313 8.10 8.45 -20.43
C THR B 313 8.76 8.44 -19.04
N LEU B 314 10.06 8.73 -19.01
CA LEU B 314 10.79 8.85 -17.76
C LEU B 314 11.22 10.30 -17.55
N ARG B 315 11.11 10.77 -16.31
CA ARG B 315 11.41 12.17 -15.97
C ARG B 315 12.03 12.25 -14.58
N TYR B 316 13.01 13.13 -14.43
CA TYR B 316 13.58 13.42 -13.12
C TYR B 316 12.62 14.33 -12.37
N VAL B 317 12.07 13.83 -11.27
CA VAL B 317 11.09 14.61 -10.52
C VAL B 317 11.38 14.56 -9.02
N HIS B 318 11.06 15.65 -8.33
CA HIS B 318 11.29 15.75 -6.89
C HIS B 318 10.37 14.82 -6.10
N THR B 319 10.96 13.79 -5.48
CA THR B 319 10.20 12.91 -4.58
C THR B 319 10.15 13.51 -3.18
N ASN B 320 11.13 14.35 -2.87
CA ASN B 320 11.07 15.25 -1.72
C ASN B 320 11.68 16.59 -2.13
N ALA B 321 11.69 17.56 -1.22
CA ALA B 321 12.19 18.90 -1.53
C ALA B 321 13.62 18.93 -2.09
N GLU B 322 14.44 17.95 -1.69
CA GLU B 322 15.88 17.98 -1.94
C GLU B 322 16.36 17.11 -3.11
N THR B 323 15.59 16.12 -3.53
CA THR B 323 16.18 14.98 -4.25
C THR B 323 16.05 14.80 -5.78
N LYS B 324 14.84 14.55 -6.30
CA LYS B 324 14.69 14.14 -7.71
C LYS B 324 15.07 12.67 -7.98
N GLN B 325 14.21 11.97 -8.71
CA GLN B 325 14.37 10.55 -9.01
C GLN B 325 13.81 10.29 -10.40
N LEU B 326 14.54 9.52 -11.22
CA LEU B 326 14.07 9.17 -12.55
C LEU B 326 12.79 8.34 -12.41
N THR B 327 11.67 8.99 -12.69
CA THR B 327 10.36 8.45 -12.37
C THR B 327 9.58 8.13 -13.64
N LEU B 328 8.78 7.07 -13.59
CA LEU B 328 7.89 6.73 -14.68
C LEU B 328 6.74 7.72 -14.73
N ILE B 329 6.62 8.38 -15.88
CA ILE B 329 5.53 9.29 -16.15
C ILE B 329 4.58 8.63 -17.14
N GLN B 330 3.27 8.75 -16.88
CA GLN B 330 2.25 8.32 -17.83
C GLN B 330 1.17 9.38 -18.05
N ASN B 331 0.72 9.51 -19.30
CA ASN B 331 -0.32 10.46 -19.66
C ASN B 331 -1.30 9.84 -20.66
N PRO B 332 -2.59 10.22 -20.56
CA PRO B 332 -3.62 9.57 -21.38
C PRO B 332 -3.56 10.01 -22.84
N VAL B 333 -4.02 9.14 -23.74
CA VAL B 333 -3.93 9.43 -25.18
C VAL B 333 -4.96 10.48 -25.64
N LEU B 334 -6.22 10.08 -25.88
CA LEU B 334 -7.25 11.01 -26.40
C LEU B 334 -6.86 11.71 -27.72
N PRO B 335 -7.49 11.32 -28.85
CA PRO B 335 -7.20 11.82 -30.18
C PRO B 335 -7.15 13.34 -30.35
N ASP B 336 -7.90 14.07 -29.53
CA ASP B 336 -8.19 15.50 -29.77
C ASP B 336 -8.70 15.73 -31.20
N SER B 337 -10.03 15.76 -31.29
CA SER B 337 -10.84 15.35 -32.44
C SER B 337 -11.78 14.31 -31.84
N ILE B 338 -11.86 14.34 -30.50
CA ILE B 338 -12.94 13.72 -29.74
C ILE B 338 -13.99 14.81 -29.65
N ASN B 339 -15.25 14.43 -29.57
CA ASN B 339 -16.33 15.39 -29.43
C ASN B 339 -16.30 16.13 -28.10
N VAL B 340 -16.22 17.44 -28.17
CA VAL B 340 -16.41 18.29 -27.00
C VAL B 340 -17.83 18.85 -27.10
N VAL B 341 -18.75 18.29 -26.31
CA VAL B 341 -20.15 18.72 -26.31
C VAL B 341 -20.25 20.20 -25.96
N ASP B 342 -19.87 20.57 -24.74
CA ASP B 342 -19.37 21.92 -24.45
C ASP B 342 -18.46 21.94 -23.22
N LYS B 343 -17.97 23.13 -22.87
CA LYS B 343 -16.91 23.23 -21.87
C LYS B 343 -17.06 24.43 -20.93
N LEU B 344 -16.10 24.56 -20.02
CA LEU B 344 -16.00 25.68 -19.09
C LEU B 344 -14.53 25.98 -18.87
N LYS B 345 -14.11 27.19 -19.25
CA LYS B 345 -12.76 27.66 -19.00
C LYS B 345 -12.80 28.80 -18.03
N LYS B 346 -11.83 28.85 -17.13
CA LYS B 346 -11.64 30.00 -16.24
C LYS B 346 -10.16 30.19 -15.94
N LYS B 347 -9.78 31.42 -15.61
CA LYS B 347 -8.40 31.73 -15.28
C LYS B 347 -8.29 32.48 -13.97
N ASN B 348 -7.16 32.34 -13.29
CA ASN B 348 -6.85 33.14 -12.09
C ASN B 348 -8.01 33.25 -11.10
N VAL B 349 -8.71 32.14 -10.89
CA VAL B 349 -9.85 32.09 -9.97
C VAL B 349 -9.40 31.85 -8.54
N LYS B 350 -9.58 32.87 -7.70
CA LYS B 350 -9.28 32.76 -6.28
C LYS B 350 -10.48 32.14 -5.56
N LEU B 351 -10.40 30.83 -5.26
CA LEU B 351 -11.52 30.06 -4.69
C LEU B 351 -11.95 30.48 -3.29
N THR B 352 -13.27 30.51 -3.06
CA THR B 352 -13.86 30.67 -1.72
C THR B 352 -15.16 29.86 -1.67
N ASN B 353 -15.77 29.75 -0.50
CA ASN B 353 -17.10 29.12 -0.40
C ASN B 353 -18.16 29.92 -1.13
N LYS B 354 -17.89 31.19 -1.40
CA LYS B 354 -18.82 32.08 -2.10
C LYS B 354 -18.57 32.20 -3.61
N LYS B 355 -17.64 31.40 -4.14
CA LYS B 355 -17.36 31.39 -5.58
C LYS B 355 -17.26 29.97 -6.14
N PRO B 356 -18.24 29.09 -5.83
CA PRO B 356 -18.10 27.72 -6.29
C PRO B 356 -18.20 27.62 -7.81
N ILE B 357 -17.29 26.87 -8.42
CA ILE B 357 -17.28 26.64 -9.86
C ILE B 357 -18.25 25.50 -10.13
N LYS B 358 -19.26 25.75 -10.97
CA LYS B 358 -20.26 24.73 -11.30
C LYS B 358 -20.48 24.61 -12.80
N THR B 359 -20.57 23.36 -13.26
CA THR B 359 -20.94 23.04 -14.63
C THR B 359 -22.40 23.38 -14.86
N ASN B 360 -22.70 23.95 -16.03
CA ASN B 360 -24.07 24.26 -16.41
C ASN B 360 -24.32 23.89 -17.88
N PHE B 361 -24.31 22.59 -18.16
CA PHE B 361 -24.19 22.11 -19.54
C PHE B 361 -25.49 21.85 -20.32
N LYS B 362 -26.55 21.44 -19.62
CA LYS B 362 -27.79 20.96 -20.27
C LYS B 362 -27.54 19.65 -21.01
N GLY B 363 -28.11 18.56 -20.48
CA GLY B 363 -27.84 17.24 -21.02
C GLY B 363 -26.49 16.72 -20.58
N SER B 364 -26.35 15.40 -20.55
CA SER B 364 -25.12 14.77 -20.10
C SER B 364 -24.81 13.47 -20.83
N THR B 365 -23.68 13.49 -21.55
CA THR B 365 -22.97 12.29 -21.89
C THR B 365 -22.38 11.86 -20.56
N GLY B 366 -22.30 10.57 -20.31
CA GLY B 366 -21.69 10.10 -19.06
C GLY B 366 -20.27 10.60 -18.84
N LEU B 367 -19.60 10.96 -19.93
CA LEU B 367 -18.15 11.19 -19.96
C LEU B 367 -17.76 12.66 -19.81
N PHE B 368 -16.81 12.93 -18.89
CA PHE B 368 -16.26 14.27 -18.65
C PHE B 368 -14.74 14.24 -18.42
N ASP B 369 -14.08 15.38 -18.62
CA ASP B 369 -12.72 15.57 -18.10
C ASP B 369 -12.51 16.95 -17.47
N PHE B 370 -11.56 17.02 -16.54
CA PHE B 370 -11.22 18.27 -15.87
C PHE B 370 -9.71 18.42 -15.75
N ASN B 371 -9.22 19.62 -16.05
CA ASN B 371 -7.78 19.89 -16.14
C ASN B 371 -7.50 21.17 -15.36
N ILE B 372 -6.71 21.07 -14.30
CA ILE B 372 -6.48 22.19 -13.39
C ILE B 372 -5.02 22.37 -13.00
N THR B 373 -4.54 23.60 -13.11
CA THR B 373 -3.29 24.04 -12.49
C THR B 373 -3.65 25.00 -11.35
N PHE B 374 -3.09 24.78 -10.17
CA PHE B 374 -3.40 25.64 -9.02
C PHE B 374 -2.20 26.05 -8.16
N LYS B 375 -2.34 27.17 -7.47
CA LYS B 375 -1.36 27.68 -6.49
C LYS B 375 -1.92 27.55 -5.10
N VAL B 376 -1.08 27.17 -4.14
CA VAL B 376 -1.46 27.27 -2.74
C VAL B 376 -0.95 28.59 -2.18
N LEU B 377 -1.88 29.49 -1.87
CA LEU B 377 -1.57 30.83 -1.38
C LEU B 377 -1.20 30.81 0.11
N ASN B 378 -0.56 31.87 0.57
CA ASN B 378 -0.27 32.05 2.00
C ASN B 378 -1.49 32.51 2.76
N LEU B 379 -2.09 31.60 3.52
CA LEU B 379 -3.28 31.92 4.29
C LEU B 379 -3.48 30.94 5.43
N ASN B 380 -3.61 31.47 6.64
CA ASN B 380 -3.96 30.66 7.80
C ASN B 380 -5.42 30.25 7.76
N VAL B 381 -5.63 28.93 7.81
CA VAL B 381 -6.96 28.33 7.77
C VAL B 381 -6.99 27.24 8.82
N SER B 382 -8.12 27.11 9.52
CA SER B 382 -8.30 26.10 10.56
C SER B 382 -8.04 24.68 10.03
N PRO B 383 -7.43 23.81 10.86
CA PRO B 383 -6.88 22.50 10.48
C PRO B 383 -7.74 21.69 9.53
N GLY B 384 -9.04 21.70 9.77
CA GLY B 384 -9.95 20.95 8.95
C GLY B 384 -10.36 21.68 7.70
N LYS B 385 -11.64 22.00 7.63
CA LYS B 385 -12.24 22.48 6.40
C LYS B 385 -12.40 21.25 5.48
N THR B 386 -11.46 21.10 4.54
CA THR B 386 -11.43 20.01 3.55
C THR B 386 -10.69 20.50 2.30
N HIS B 387 -9.53 21.11 2.51
CA HIS B 387 -8.84 21.95 1.52
C HIS B 387 -9.20 21.54 0.08
N PHE B 388 -9.81 22.47 -0.66
CA PHE B 388 -10.56 22.25 -1.95
C PHE B 388 -10.80 20.84 -2.57
N ASP B 389 -12.07 20.57 -2.91
CA ASP B 389 -12.48 19.32 -3.55
C ASP B 389 -13.18 19.57 -4.89
N ILE B 390 -13.06 18.61 -5.79
CA ILE B 390 -13.86 18.60 -7.01
C ILE B 390 -14.90 17.46 -6.88
N LEU B 391 -16.18 17.81 -7.00
CA LEU B 391 -17.29 16.86 -6.83
C LEU B 391 -17.95 16.48 -8.15
N ILE B 392 -18.04 15.19 -8.41
CA ILE B 392 -18.73 14.68 -9.61
C ILE B 392 -20.10 14.15 -9.21
N ASN B 393 -21.15 14.88 -9.60
CA ASN B 393 -22.51 14.56 -9.20
C ASN B 393 -23.33 13.92 -10.31
N SER B 394 -24.27 13.08 -9.92
CA SER B 394 -25.23 12.51 -10.85
C SER B 394 -26.44 13.42 -11.04
N GLN B 395 -27.30 13.00 -11.97
CA GLN B 395 -28.68 13.45 -12.06
C GLN B 395 -29.34 13.25 -10.70
N GLU B 396 -30.43 13.97 -10.45
CA GLU B 396 -31.06 13.95 -9.14
C GLU B 396 -32.23 12.98 -9.03
N LEU B 397 -32.15 11.87 -9.78
CA LEU B 397 -33.22 10.86 -9.81
C LEU B 397 -33.34 10.05 -8.53
N ASN B 398 -34.59 9.82 -8.11
CA ASN B 398 -34.97 9.08 -6.89
C ASN B 398 -34.80 9.87 -5.57
N SER B 399 -35.00 11.18 -5.64
CA SER B 399 -34.83 12.13 -4.51
C SER B 399 -33.50 12.01 -3.74
N SER B 400 -32.45 11.65 -4.47
CA SER B 400 -31.10 11.61 -3.94
C SER B 400 -30.12 11.85 -5.09
N VAL B 401 -28.92 12.31 -4.77
CA VAL B 401 -27.90 12.54 -5.77
C VAL B 401 -26.61 11.81 -5.38
N ASP B 402 -26.17 10.91 -6.25
CA ASP B 402 -24.92 10.17 -6.01
C ASP B 402 -23.75 10.97 -6.51
N SER B 403 -22.64 10.94 -5.78
CA SER B 403 -21.45 11.69 -6.15
C SER B 403 -20.16 11.12 -5.59
N ILE B 404 -19.11 11.20 -6.38
CA ILE B 404 -17.77 10.84 -5.91
C ILE B 404 -16.94 12.11 -5.75
N LYS B 405 -15.85 12.03 -5.00
CA LYS B 405 -15.11 13.20 -4.55
C LYS B 405 -13.61 13.08 -4.85
N ILE B 406 -13.04 14.11 -5.49
CA ILE B 406 -11.60 14.18 -5.74
C ILE B 406 -11.08 15.51 -5.24
N GLY B 407 -10.20 15.49 -4.24
CA GLY B 407 -9.72 16.72 -3.60
C GLY B 407 -8.22 16.76 -3.41
N PHE B 408 -7.74 17.86 -2.81
CA PHE B 408 -6.33 18.02 -2.50
C PHE B 408 -6.21 18.76 -1.19
N ASP B 409 -5.48 18.21 -0.23
CA ASP B 409 -5.25 18.90 1.04
C ASP B 409 -3.85 19.51 1.05
N SER B 410 -3.78 20.82 1.26
CA SER B 410 -2.51 21.54 1.18
C SER B 410 -1.60 21.32 2.38
N SER B 411 -2.17 20.94 3.52
CA SER B 411 -1.37 20.65 4.70
C SER B 411 -0.68 19.28 4.55
N GLN B 412 -1.27 18.42 3.75
CA GLN B 412 -0.74 17.08 3.58
C GLN B 412 -0.09 16.93 2.20
N SER B 413 -0.18 18.00 1.40
CA SER B 413 0.38 18.03 0.04
C SER B 413 0.03 16.77 -0.75
N SER B 414 -1.22 16.34 -0.62
CA SER B 414 -1.68 15.07 -1.15
C SER B 414 -3.01 15.22 -1.87
N PHE B 415 -3.15 14.51 -2.98
CA PHE B 415 -4.46 14.38 -3.62
C PHE B 415 -5.18 13.19 -2.99
N TYR B 416 -6.51 13.13 -3.15
CA TYR B 416 -7.29 12.02 -2.60
C TYR B 416 -8.61 11.81 -3.32
N ILE B 417 -9.09 10.57 -3.27
CA ILE B 417 -10.40 10.23 -3.82
C ILE B 417 -11.30 9.62 -2.73
N ASP B 418 -12.60 9.79 -2.89
CA ASP B 418 -13.58 9.12 -2.05
C ASP B 418 -14.72 8.60 -2.92
N ARG B 419 -14.62 7.34 -3.31
CA ARG B 419 -15.58 6.76 -4.22
C ARG B 419 -16.79 6.13 -3.52
N HIS B 420 -16.90 6.37 -2.22
CA HIS B 420 -18.04 5.83 -1.48
C HIS B 420 -19.35 6.38 -2.03
N ILE B 421 -20.29 5.47 -2.25
CA ILE B 421 -21.63 5.80 -2.68
C ILE B 421 -22.60 5.05 -1.80
N PRO B 422 -23.59 5.77 -1.21
CA PRO B 422 -24.60 5.16 -0.34
C PRO B 422 -25.49 4.17 -1.07
N ASN B 423 -26.04 3.22 -0.32
CA ASN B 423 -27.10 2.32 -0.80
C ASN B 423 -26.73 1.36 -1.92
N VAL B 424 -25.49 1.43 -2.40
CA VAL B 424 -25.04 0.48 -3.40
C VAL B 424 -24.26 -0.61 -2.72
N GLU B 425 -24.83 -1.82 -2.73
CA GLU B 425 -24.19 -2.97 -2.15
C GLU B 425 -23.97 -4.05 -3.19
N PHE B 426 -22.83 -4.73 -3.09
CA PHE B 426 -22.52 -5.90 -3.92
C PHE B 426 -21.53 -6.83 -3.20
N PRO B 427 -21.56 -8.14 -3.52
CA PRO B 427 -20.66 -9.10 -2.89
C PRO B 427 -19.20 -8.64 -2.90
N ARG B 428 -18.57 -8.79 -1.73
CA ARG B 428 -17.14 -8.53 -1.52
C ARG B 428 -16.67 -7.06 -1.44
N LYS B 429 -17.59 -6.10 -1.37
CA LYS B 429 -17.26 -4.79 -0.77
C LYS B 429 -16.69 -5.21 0.58
N GLN B 430 -15.82 -4.40 1.17
CA GLN B 430 -14.93 -4.82 2.28
C GLN B 430 -13.54 -4.70 1.71
N PHE B 431 -13.43 -5.05 0.44
CA PHE B 431 -12.21 -4.94 -0.29
C PHE B 431 -12.26 -3.71 -1.21
N PHE B 432 -13.47 -3.19 -1.43
CA PHE B 432 -13.71 -2.02 -2.27
C PHE B 432 -13.43 -0.74 -1.48
N THR B 433 -12.27 -0.12 -1.71
CA THR B 433 -11.63 0.70 -0.66
C THR B 433 -12.19 2.10 -0.32
N ASP B 434 -12.70 2.81 -1.31
CA ASP B 434 -13.32 4.14 -1.06
C ASP B 434 -12.34 5.35 -0.96
N LYS B 435 -11.40 5.33 -0.01
CA LYS B 435 -10.52 6.49 0.23
C LYS B 435 -9.06 6.21 -0.07
N LEU B 436 -8.48 6.97 -0.99
CA LEU B 436 -7.13 6.65 -1.47
C LEU B 436 -6.11 7.79 -1.60
N ALA B 437 -4.93 7.52 -1.02
CA ALA B 437 -3.58 7.80 -1.57
C ALA B 437 -3.16 9.18 -2.02
N ALA B 438 -1.98 9.19 -2.66
CA ALA B 438 -1.39 10.25 -3.51
C ALA B 438 -0.69 11.47 -2.87
N TYR B 439 0.55 11.28 -2.39
CA TYR B 439 1.41 12.40 -1.94
C TYR B 439 2.31 12.88 -3.10
N LEU B 440 2.55 14.19 -3.22
CA LEU B 440 3.24 14.66 -4.44
C LEU B 440 4.47 15.57 -4.52
N GLU B 441 4.54 16.65 -3.75
CA GLU B 441 5.59 17.68 -4.02
C GLU B 441 5.14 18.57 -5.17
N PRO B 442 5.42 19.87 -5.04
CA PRO B 442 4.95 20.81 -6.07
C PRO B 442 5.48 20.47 -7.46
N LEU B 443 4.62 20.67 -8.46
CA LEU B 443 5.00 20.60 -9.86
C LEU B 443 6.00 21.71 -10.20
N ASP B 444 5.87 22.82 -9.48
CA ASP B 444 6.70 23.99 -9.65
C ASP B 444 6.46 24.96 -8.49
N TYR B 445 7.38 25.90 -8.30
CA TYR B 445 7.16 27.02 -7.41
C TYR B 445 7.17 28.25 -8.29
N ASP B 446 6.18 29.11 -8.15
CA ASP B 446 6.23 30.40 -8.81
C ASP B 446 6.07 31.52 -7.81
N GLN B 447 7.24 31.95 -7.32
CA GLN B 447 7.40 32.99 -6.30
C GLN B 447 7.21 32.39 -4.91
N ASP B 448 7.95 31.33 -4.62
CA ASP B 448 7.90 30.63 -3.32
C ASP B 448 6.47 30.33 -2.90
N LEU B 449 5.72 29.60 -3.72
CA LEU B 449 4.28 29.51 -3.51
C LEU B 449 3.65 28.11 -3.56
N ARG B 450 4.20 27.21 -4.37
CA ARG B 450 3.73 25.80 -4.56
C ARG B 450 2.62 25.69 -5.60
N VAL B 451 2.97 25.12 -6.74
CA VAL B 451 2.04 24.94 -7.85
C VAL B 451 1.85 23.45 -8.10
N PHE B 452 0.59 23.03 -8.23
CA PHE B 452 0.28 21.64 -8.57
C PHE B 452 -0.60 21.59 -9.82
N SER B 453 -0.64 20.45 -10.51
CA SER B 453 -1.61 20.26 -11.59
C SER B 453 -2.33 18.91 -11.51
N LEU B 454 -3.57 18.91 -12.00
CA LEU B 454 -4.44 17.75 -11.93
C LEU B 454 -5.15 17.58 -13.25
N TYR B 455 -5.12 16.35 -13.77
CA TYR B 455 -5.98 15.96 -14.89
C TYR B 455 -6.77 14.71 -14.54
N GLY B 456 -8.09 14.81 -14.64
CA GLY B 456 -8.95 13.67 -14.41
C GLY B 456 -9.93 13.46 -15.55
N ILE B 457 -10.25 12.20 -15.81
CA ILE B 457 -11.27 11.85 -16.79
C ILE B 457 -12.23 10.79 -16.23
N VAL B 458 -13.51 11.12 -16.22
CA VAL B 458 -14.56 10.21 -15.77
C VAL B 458 -15.26 9.64 -16.99
N ASP B 459 -15.29 8.32 -17.12
CA ASP B 459 -16.13 7.76 -18.16
C ASP B 459 -17.53 7.54 -17.62
N LYS B 460 -17.93 6.31 -17.31
CA LYS B 460 -19.25 6.14 -16.73
C LYS B 460 -19.24 5.29 -15.48
N ASN B 461 -18.22 4.44 -15.38
CA ASN B 461 -17.97 3.70 -14.17
C ASN B 461 -16.51 3.78 -13.74
N ILE B 462 -15.71 4.57 -14.47
CA ILE B 462 -14.27 4.61 -14.25
C ILE B 462 -13.69 6.01 -14.26
N ILE B 463 -12.88 6.30 -13.25
CA ILE B 463 -12.21 7.60 -13.15
C ILE B 463 -10.68 7.44 -13.11
N GLU B 464 -10.01 8.13 -14.02
CA GLU B 464 -8.56 8.10 -14.14
C GLU B 464 -7.94 9.45 -13.79
N LEU B 465 -7.07 9.46 -12.78
CA LEU B 465 -6.42 10.68 -12.30
C LEU B 465 -4.93 10.72 -12.59
N TYR B 466 -4.47 11.88 -13.08
CA TYR B 466 -3.07 12.08 -13.40
C TYR B 466 -2.56 13.35 -12.70
N PHE B 467 -1.75 13.13 -11.66
CA PHE B 467 -1.27 14.22 -10.81
C PHE B 467 0.05 14.78 -11.31
N ASN B 468 0.23 16.10 -11.11
CA ASN B 468 1.27 16.85 -11.82
C ASN B 468 1.20 16.53 -13.33
N ASP B 469 2.30 16.45 -14.08
CA ASP B 469 2.08 16.15 -15.50
C ASP B 469 2.23 14.65 -15.76
N GLY B 470 1.48 13.88 -14.99
CA GLY B 470 1.49 12.43 -15.08
C GLY B 470 2.54 11.77 -14.22
N THR B 471 2.96 12.47 -13.16
CA THR B 471 3.95 11.96 -12.21
C THR B 471 3.46 10.72 -11.47
N VAL B 472 2.18 10.72 -11.09
CA VAL B 472 1.54 9.52 -10.56
C VAL B 472 0.10 9.40 -11.05
N ALA B 473 -0.28 8.18 -11.44
CA ALA B 473 -1.62 7.89 -11.93
C ALA B 473 -2.46 7.13 -10.89
N MET B 474 -3.77 7.37 -10.90
CA MET B 474 -4.68 6.74 -9.97
C MET B 474 -5.99 6.30 -10.66
N THR B 475 -6.09 5.02 -10.99
CA THR B 475 -7.27 4.49 -11.68
C THR B 475 -8.22 3.77 -10.72
N ASN B 476 -9.49 4.17 -10.76
CA ASN B 476 -10.51 3.57 -9.90
C ASN B 476 -11.88 3.48 -10.57
N THR B 477 -12.52 2.32 -10.47
CA THR B 477 -13.93 2.20 -10.86
C THR B 477 -14.82 2.69 -9.71
N PHE B 478 -15.97 3.26 -10.07
CA PHE B 478 -16.94 3.78 -9.10
C PHE B 478 -18.31 3.34 -9.57
N PHE B 479 -19.29 3.21 -8.68
CA PHE B 479 -20.51 2.57 -9.14
C PHE B 479 -21.85 3.27 -9.31
N MET B 480 -22.38 3.92 -8.27
CA MET B 480 -23.58 4.78 -8.45
C MET B 480 -24.88 3.99 -8.70
N GLY B 481 -25.96 4.44 -8.07
CA GLY B 481 -27.23 3.74 -8.04
C GLY B 481 -27.90 3.54 -9.39
N GLU B 482 -28.65 2.45 -9.48
CA GLU B 482 -29.45 2.10 -10.64
C GLU B 482 -29.99 3.32 -11.38
N GLY B 483 -29.54 3.51 -12.62
CA GLY B 483 -30.02 4.59 -13.47
C GLY B 483 -29.20 5.87 -13.46
N LYS B 484 -28.36 6.05 -12.44
CA LYS B 484 -27.61 7.30 -12.25
C LYS B 484 -26.25 7.30 -12.95
N TYR B 485 -25.91 8.42 -13.57
CA TYR B 485 -24.57 8.63 -14.15
C TYR B 485 -24.13 10.09 -13.97
N PRO B 486 -22.80 10.35 -14.04
CA PRO B 486 -22.29 11.71 -13.90
C PRO B 486 -22.99 12.74 -14.80
N HIS B 487 -23.48 13.83 -14.18
CA HIS B 487 -24.22 14.85 -14.91
C HIS B 487 -23.58 16.23 -14.86
N ASP B 488 -22.89 16.54 -13.76
CA ASP B 488 -22.22 17.84 -13.62
C ASP B 488 -21.09 17.81 -12.59
N ILE B 489 -20.23 18.82 -12.67
CA ILE B 489 -19.02 18.87 -11.87
C ILE B 489 -18.89 20.22 -11.15
N GLN B 490 -18.63 20.16 -9.85
CA GLN B 490 -18.38 21.36 -9.04
C GLN B 490 -16.96 21.36 -8.52
N ILE B 491 -16.40 22.56 -8.31
CA ILE B 491 -15.17 22.71 -7.55
C ILE B 491 -15.44 23.63 -6.36
N VAL B 492 -15.30 23.11 -5.15
CA VAL B 492 -15.75 23.80 -3.93
C VAL B 492 -14.66 23.91 -2.85
N THR B 493 -14.92 24.75 -1.84
CA THR B 493 -14.06 24.92 -0.68
C THR B 493 -14.87 25.41 0.51
N ASP B 494 -14.37 25.18 1.71
CA ASP B 494 -14.99 25.74 2.91
C ASP B 494 -14.28 27.00 3.41
N THR B 495 -13.16 27.35 2.77
CA THR B 495 -12.39 28.53 3.18
C THR B 495 -13.08 29.83 2.79
N GLU B 496 -13.11 30.78 3.75
CA GLU B 496 -13.75 32.08 3.55
C GLU B 496 -12.95 32.95 2.58
N GLU B 497 -11.66 33.09 2.86
CA GLU B 497 -10.75 33.78 1.95
C GLU B 497 -10.06 32.76 1.05
N PRO B 498 -9.45 33.21 -0.08
CA PRO B 498 -8.88 32.26 -1.03
C PRO B 498 -7.56 31.63 -0.57
N LEU B 499 -7.58 30.32 -0.38
CA LEU B 499 -6.37 29.55 -0.12
C LEU B 499 -5.81 28.97 -1.41
N PHE B 500 -6.71 28.56 -2.31
CA PHE B 500 -6.29 28.02 -3.59
C PHE B 500 -6.63 28.99 -4.70
N GLU B 501 -5.64 29.27 -5.54
CA GLU B 501 -5.88 30.02 -6.77
C GLU B 501 -5.73 29.07 -7.95
N LEU B 502 -6.84 28.82 -8.63
CA LEU B 502 -6.83 27.98 -9.82
C LEU B 502 -6.38 28.81 -11.02
N GLU B 503 -5.11 28.68 -11.39
CA GLU B 503 -4.54 29.41 -12.53
C GLU B 503 -5.31 29.11 -13.81
N SER B 504 -5.60 27.83 -14.01
CA SER B 504 -6.36 27.38 -15.17
C SER B 504 -7.36 26.31 -14.76
N VAL B 505 -8.58 26.43 -15.24
CA VAL B 505 -9.59 25.40 -15.06
C VAL B 505 -10.23 25.12 -16.40
N ILE B 506 -10.20 23.87 -16.83
CA ILE B 506 -10.96 23.46 -18.01
C ILE B 506 -11.75 22.20 -17.65
N ILE B 507 -13.07 22.35 -17.66
CA ILE B 507 -14.00 21.24 -17.49
C ILE B 507 -14.72 21.02 -18.83
N ARG B 508 -14.74 19.77 -19.30
CA ARG B 508 -15.32 19.45 -20.60
C ARG B 508 -16.27 18.27 -20.54
N GLU B 509 -17.43 18.41 -21.20
CA GLU B 509 -18.31 17.28 -21.48
C GLU B 509 -17.89 16.70 -22.82
N LEU B 510 -17.45 15.46 -22.81
CA LEU B 510 -16.95 14.78 -24.01
C LEU B 510 -17.96 13.78 -24.53
N ASN B 511 -17.78 13.31 -25.75
CA ASN B 511 -18.60 12.24 -26.33
C ASN B 511 -17.83 11.40 -27.33
N LYS B 512 -18.34 10.20 -27.63
CA LYS B 512 -17.76 9.28 -28.60
C LYS B 512 -17.19 9.97 -29.84
C1 NAG C . 6.36 23.89 27.65
C2 NAG C . 6.36 25.35 28.12
C3 NAG C . 7.35 25.53 29.27
C4 NAG C . 7.12 24.51 30.38
C5 NAG C . 7.01 23.08 29.85
C6 NAG C . 6.36 22.21 30.91
C7 NAG C . 5.77 26.91 26.26
C8 NAG C . 6.36 27.81 25.20
N2 NAG C . 6.67 26.27 27.03
O3 NAG C . 7.18 26.80 29.83
O4 NAG C . 8.17 24.60 31.33
O5 NAG C . 6.18 22.97 28.72
O6 NAG C . 7.32 21.30 31.38
O7 NAG C . 4.54 26.81 26.37
C1 NAG D . 33.47 -5.92 29.77
C2 NAG D . 34.75 -6.72 29.54
C3 NAG D . 34.40 -8.20 29.68
C4 NAG D . 33.81 -8.48 31.08
C5 NAG D . 32.66 -7.50 31.41
C6 NAG D . 32.29 -7.61 32.89
C7 NAG D . 36.38 -5.52 28.10
C8 NAG D . 36.90 -5.30 26.71
N2 NAG D . 35.37 -6.39 28.25
O3 NAG D . 35.53 -9.03 29.43
O4 NAG D . 33.35 -9.81 31.16
O5 NAG D . 33.02 -6.16 31.09
O6 NAG D . 31.48 -6.53 33.28
O7 NAG D . 36.91 -4.89 29.03
C1 NAG E . 27.55 7.76 1.97
C2 NAG E . 28.67 7.82 0.92
C3 NAG E . 29.23 9.23 0.69
C4 NAG E . 28.12 10.29 0.57
C5 NAG E . 27.13 10.17 1.74
C6 NAG E . 25.86 11.00 1.60
C7 NAG E . 29.88 5.64 0.94
C8 NAG E . 31.07 4.92 1.53
N2 NAG E . 29.74 6.92 1.34
O3 NAG E . 30.01 9.26 -0.49
O4 NAG E . 28.71 11.58 0.44
O5 NAG E . 26.64 8.84 1.87
O6 NAG E . 26.10 12.28 1.04
O7 NAG E . 29.13 5.07 0.15
C1 NAG F . 10.04 -13.75 23.72
C2 NAG F . 10.16 -13.79 25.24
C3 NAG F . 11.22 -14.77 25.76
C4 NAG F . 11.40 -16.07 24.97
C5 NAG F . 11.11 -15.90 23.48
C6 NAG F . 10.88 -17.27 22.88
C7 NAG F . 9.55 -11.86 26.58
C8 NAG F . 9.97 -10.55 27.16
N2 NAG F . 10.46 -12.50 25.83
O3 NAG F . 10.85 -15.13 27.08
O4 NAG F . 12.71 -16.59 25.20
O5 NAG F . 9.95 -15.10 23.28
O6 NAG F . 10.09 -17.18 21.72
O7 NAG F . 8.42 -12.29 26.79
C1 NAG G . -4.20 -17.82 21.60
C2 NAG G . -2.81 -17.38 22.12
C3 NAG G . -1.76 -18.50 22.17
C4 NAG G . -2.26 -19.91 22.46
C5 NAG G . -3.67 -20.16 21.88
C6 NAG G . -4.27 -21.41 22.51
C7 NAG G . -1.92 -15.10 21.74
C8 NAG G . -1.26 -14.20 20.73
N2 NAG G . -2.21 -16.33 21.31
O3 NAG G . -0.77 -18.20 23.15
O4 NAG G . -1.34 -20.83 21.94
O5 NAG G . -4.51 -19.07 22.21
O6 NAG G . -4.77 -22.26 21.50
O7 NAG G . -2.16 -14.69 22.89
C1 GOL H . 11.56 13.01 14.58
O1 GOL H . 11.54 12.02 13.56
C2 GOL H . 10.18 13.63 14.74
O2 GOL H . 9.71 14.03 13.46
C3 GOL H . 10.22 14.85 15.64
O3 GOL H . 9.31 14.67 16.70
C1 GOL I . 9.62 15.04 10.02
O1 GOL I . 10.48 14.67 11.07
C2 GOL I . 8.15 14.74 10.36
O2 GOL I . 8.05 13.78 11.39
C3 GOL I . 7.42 14.26 9.11
O3 GOL I . 7.60 12.86 8.97
C1 GOL J . 7.36 18.44 10.18
O1 GOL J . 8.43 19.36 10.27
C2 GOL J . 6.64 18.29 11.52
O2 GOL J . 7.45 17.63 12.47
C3 GOL J . 5.37 17.47 11.32
O3 GOL J . 4.26 18.27 11.61
C1 NAG K . 16.48 -19.88 -13.02
C2 NAG K . 17.77 -20.67 -12.69
C3 NAG K . 17.62 -22.19 -12.58
C4 NAG K . 16.37 -22.61 -11.81
C5 NAG K . 15.13 -21.86 -12.30
C6 NAG K . 14.07 -22.01 -11.21
C7 NAG K . 19.62 -19.37 -13.66
C8 NAG K . 20.61 -19.29 -14.79
N2 NAG K . 18.80 -20.42 -13.69
O3 NAG K . 18.71 -22.70 -11.84
O4 NAG K . 16.22 -24.03 -11.89
O5 NAG K . 15.30 -20.45 -12.44
O6 NAG K . 12.79 -21.96 -11.77
O7 NAG K . 19.58 -18.49 -12.78
C1 NAG L . 3.94 9.83 -27.26
C2 NAG L . 3.57 10.19 -28.71
C3 NAG L . 4.81 10.36 -29.61
C4 NAG L . 5.78 11.37 -29.00
C5 NAG L . 6.13 10.80 -27.61
C6 NAG L . 7.19 11.57 -26.83
C7 NAG L . 1.34 9.22 -29.05
C8 NAG L . 0.52 8.14 -29.71
N2 NAG L . 2.66 9.20 -29.29
O3 NAG L . 4.47 10.77 -30.92
O4 NAG L . 6.90 11.57 -29.87
O5 NAG L . 4.94 10.73 -26.82
O6 NAG L . 7.86 10.67 -25.97
O7 NAG L . 0.78 10.07 -28.35
C1 NAG M . -4.09 20.00 -19.56
C2 NAG M . -3.49 19.18 -20.72
C3 NAG M . -2.15 19.69 -21.23
C4 NAG M . -2.01 21.21 -21.34
C5 NAG M . -2.68 21.95 -20.18
C6 NAG M . -2.95 23.39 -20.62
C7 NAG M . -4.00 16.75 -20.68
C8 NAG M . -3.52 15.41 -20.21
N2 NAG M . -3.23 17.79 -20.35
O3 NAG M . -1.93 19.15 -22.52
O4 NAG M . -0.64 21.57 -21.43
O5 NAG M . -3.95 21.39 -19.86
O6 NAG M . -3.07 24.22 -19.49
O7 NAG M . -5.05 16.86 -21.34
#